data_4RY5
#
_entry.id   4RY5
#
_cell.length_a   105.490
_cell.length_b   107.946
_cell.length_c   133.250
_cell.angle_alpha   90.00
_cell.angle_beta   90.00
_cell.angle_gamma   90.00
#
_symmetry.space_group_name_H-M   'P 21 21 21'
#
loop_
_entity.id
_entity.type
_entity.pdbx_description
1 polymer 'HCV J4 RNA polymerase (NS5B)'
2 non-polymer 'MANGANESE (II) ION'
3 non-polymer "URIDINE 5'-TRIPHOSPHATE"
4 water water
#
_entity_poly.entity_id   1
_entity_poly.type   'polypeptide(L)'
_entity_poly.pdbx_seq_one_letter_code
;SMSYTWTGALITPCAAEESKLPINPLSNSLLRHHNMVYATTSRSASLRQKKVTFDRLQVLDDHYRDVLKEMKAKASTVKA
KLLSIEEACKLTPPHSAKSKFGYGAKDVRNLSSRAVNHIRSVWEDLLEDTETPIDTTIMAKSEVFCVQPEKGGRKPARLI
VFPDLGVRVCEKMALYDVVSTLPQAVMGSSYGFQYSPKQRVEFLVNTWKSKKCPMGFSYDTRCFDSTVTESDIRVEESIY
QCCDLAPEARQAIRSLTERLYIGGPLTNSKGQNCGYRRCRASGVLTTSCGNTLTCYLKATAACRAAKLQDCTMLVNGDDL
VVICESAGTQEDAAALRAFTEAMTRYSAPPGDPPQPEYDLELITSCSSNVSVAHDASGKRVYYLTRDPTTPLARAAWETA
RHTPINSWLGNIIMYAPTLWARMILMTHFFSILLAQEQLEKALDCQIYGACYSIEPLDLPQIIERLHGLSAFTLHSYSPG
EINRVASCLRKLGVPPLRTWRHRARSVRAKLLSQGGRAATCGRYLFNWAVRTKLKLTPIPAASQLDLSGNFVAGYSGGDI
YHSLSRARPR
;
_entity_poly.pdbx_strand_id   A,B
#
loop_
_chem_comp.id
_chem_comp.type
_chem_comp.name
_chem_comp.formula
MN non-polymer 'MANGANESE (II) ION' 'Mn 2'
UTP non-polymer 'URIDINE 5'-TRIPHOSPHATE' 'C9 H15 N2 O15 P3'
#
# COMPACT_ATOMS: atom_id res chain seq x y z
N SER A 1 37.89 14.56 33.49
CA SER A 1 37.20 13.29 33.66
C SER A 1 36.54 12.80 32.36
N MET A 2 37.08 11.74 31.77
CA MET A 2 36.61 11.24 30.48
C MET A 2 35.54 10.16 30.63
N SER A 3 34.47 10.25 29.84
CA SER A 3 33.40 9.26 29.88
C SER A 3 33.92 7.84 29.62
N TYR A 4 34.79 7.70 28.65
CA TYR A 4 35.40 6.41 28.40
C TYR A 4 36.91 6.52 28.11
N THR A 5 37.59 5.40 28.30
CA THR A 5 38.98 5.27 27.91
C THR A 5 39.07 3.98 27.13
N TRP A 6 39.81 3.98 26.02
CA TRP A 6 39.87 2.78 25.21
C TRP A 6 41.30 2.21 25.10
N THR A 7 41.41 0.90 25.15
CA THR A 7 42.71 0.25 24.99
C THR A 7 42.98 -0.03 23.54
N GLY A 8 41.92 -0.05 22.73
CA GLY A 8 42.03 -0.30 21.32
C GLY A 8 41.58 -1.69 20.90
N ALA A 9 41.29 -2.54 21.88
CA ALA A 9 40.68 -3.82 21.56
C ALA A 9 39.26 -3.57 21.03
N LEU A 10 38.80 -4.36 20.08
CA LEU A 10 37.56 -4.02 19.40
C LEU A 10 36.33 -4.36 20.27
N ILE A 11 35.22 -3.66 20.01
CA ILE A 11 33.92 -4.15 20.43
C ILE A 11 33.62 -5.28 19.48
N THR A 12 33.50 -6.48 20.00
CA THR A 12 33.42 -7.67 19.17
C THR A 12 32.06 -8.32 19.30
N PRO A 13 31.58 -8.94 18.22
CA PRO A 13 30.31 -9.67 18.28
C PRO A 13 30.49 -11.08 18.86
N CYS A 14 29.40 -11.77 19.18
CA CYS A 14 29.50 -13.17 19.61
C CYS A 14 29.17 -14.14 18.46
N ALA A 15 28.29 -13.70 17.56
CA ALA A 15 27.98 -14.48 16.37
C ALA A 15 28.00 -13.58 15.12
N ALA A 16 27.64 -14.15 13.97
CA ALA A 16 27.44 -13.34 12.77
C ALA A 16 26.25 -12.38 12.98
N GLU A 17 26.29 -11.23 12.31
CA GLU A 17 25.25 -10.22 12.42
C GLU A 17 24.73 -9.78 11.06
N GLU A 18 23.42 -9.88 10.84
CA GLU A 18 22.88 -9.52 9.54
C GLU A 18 22.66 -8.01 9.48
N SER A 19 22.99 -7.40 8.34
CA SER A 19 22.80 -5.97 8.16
C SER A 19 21.57 -5.73 7.33
N LYS A 20 21.66 -6.12 6.06
CA LYS A 20 20.60 -5.90 5.11
C LYS A 20 19.47 -6.90 5.31
N LEU A 21 18.29 -6.55 4.81
CA LEU A 21 17.11 -7.41 4.84
C LEU A 21 17.26 -8.55 3.81
N PRO A 22 16.58 -9.70 4.05
CA PRO A 22 16.46 -10.74 3.02
C PRO A 22 15.18 -10.59 2.17
N ILE A 23 15.29 -10.73 0.85
CA ILE A 23 14.09 -10.56 0.02
C ILE A 23 13.22 -11.83 0.03
N ASN A 24 12.04 -11.69 0.64
CA ASN A 24 11.05 -12.76 0.74
C ASN A 24 9.65 -12.18 0.57
N PRO A 25 8.76 -12.94 -0.10
CA PRO A 25 7.35 -12.58 -0.33
C PRO A 25 6.58 -11.97 0.87
N LEU A 26 6.81 -12.42 2.11
CA LEU A 26 6.02 -11.92 3.25
C LEU A 26 6.38 -10.49 3.64
N SER A 27 7.67 -10.16 3.55
CA SER A 27 8.10 -8.81 3.87
C SER A 27 7.75 -7.88 2.71
N ASN A 28 7.96 -8.35 1.47
CA ASN A 28 7.52 -7.58 0.29
C ASN A 28 6.07 -7.17 0.47
N SER A 29 5.34 -8.09 1.07
CA SER A 29 3.90 -7.98 1.27
C SER A 29 3.60 -6.75 2.10
N LEU A 30 4.58 -6.38 2.93
CA LEU A 30 4.47 -5.24 3.81
C LEU A 30 5.19 -4.02 3.25
N LEU A 31 6.40 -4.23 2.76
CA LEU A 31 7.32 -3.14 2.47
C LEU A 31 8.12 -3.42 1.19
N ARG A 32 8.29 -2.42 0.32
CA ARG A 32 8.87 -2.68 -1.00
C ARG A 32 10.32 -2.22 -1.12
N HIS A 33 10.63 -1.04 -0.58
CA HIS A 33 11.96 -0.48 -0.72
C HIS A 33 12.95 -1.07 0.29
N HIS A 34 13.02 -2.41 0.32
CA HIS A 34 13.91 -3.23 1.16
C HIS A 34 15.25 -2.60 1.54
N ASN A 35 15.91 -2.00 0.56
CA ASN A 35 17.21 -1.43 0.78
C ASN A 35 17.17 -0.11 1.57
N MET A 36 15.98 0.28 2.03
CA MET A 36 15.81 1.41 2.93
C MET A 36 15.96 0.95 4.39
N VAL A 37 16.01 -0.38 4.57
CA VAL A 37 15.96 -0.98 5.90
C VAL A 37 17.30 -1.65 6.30
N TYR A 38 17.87 -1.22 7.42
CA TYR A 38 19.12 -1.79 7.87
C TYR A 38 19.11 -2.10 9.36
N ALA A 39 19.95 -3.05 9.73
CA ALA A 39 20.17 -3.37 11.12
C ALA A 39 21.57 -2.92 11.44
N THR A 40 21.80 -2.48 12.68
CA THR A 40 23.11 -2.04 13.10
C THR A 40 23.99 -3.26 13.47
N THR A 41 25.31 -3.06 13.46
CA THR A 41 26.27 -4.14 13.70
C THR A 41 27.59 -3.66 14.35
N SER A 42 28.47 -4.60 14.69
CA SER A 42 29.76 -4.30 15.31
C SER A 42 30.59 -3.33 14.48
N ARG A 43 30.39 -3.37 13.17
CA ARG A 43 31.26 -2.68 12.24
C ARG A 43 31.28 -1.17 12.45
N SER A 44 30.18 -0.64 12.98
CA SER A 44 30.01 0.78 13.22
C SER A 44 30.29 1.21 14.66
N ALA A 45 30.61 0.26 15.53
CA ALA A 45 30.82 0.56 16.95
C ALA A 45 31.86 1.64 17.13
N SER A 46 32.96 1.52 16.39
CA SER A 46 33.97 2.55 16.30
C SER A 46 33.38 3.97 16.28
N LEU A 47 32.45 4.19 15.36
CA LEU A 47 31.80 5.48 15.22
C LEU A 47 31.10 5.89 16.51
N ARG A 48 30.30 4.97 17.04
CA ARG A 48 29.56 5.21 18.28
C ARG A 48 30.48 5.57 19.43
N GLN A 49 31.67 5.00 19.43
CA GLN A 49 32.58 5.26 20.51
C GLN A 49 32.95 6.74 20.50
N LYS A 50 33.08 7.31 19.30
CA LYS A 50 33.52 8.67 19.11
C LYS A 50 32.48 9.66 19.62
N LYS A 51 31.21 9.35 19.41
CA LYS A 51 30.14 10.28 19.79
C LYS A 51 30.01 10.28 21.29
N VAL A 52 30.26 9.11 21.87
CA VAL A 52 29.97 8.81 23.26
C VAL A 52 31.18 9.09 24.20
N THR A 53 32.37 9.26 23.63
CA THR A 53 33.58 9.54 24.42
C THR A 53 33.94 11.02 24.48
N PHE A 54 33.73 11.63 25.64
CA PHE A 54 34.15 13.02 25.83
C PHE A 54 34.44 13.39 27.28
N ASP A 55 34.89 14.62 27.50
CA ASP A 55 35.18 15.12 28.83
C ASP A 55 33.94 15.84 29.35
N ARG A 56 33.75 15.86 30.67
CA ARG A 56 32.54 16.45 31.22
C ARG A 56 32.83 17.52 32.24
N LEU A 57 32.37 18.72 31.94
CA LEU A 57 32.55 19.86 32.82
C LEU A 57 31.26 20.14 33.57
N GLN A 58 31.26 19.86 34.86
CA GLN A 58 30.06 20.08 35.65
C GLN A 58 30.25 21.21 36.65
N VAL A 59 29.26 22.10 36.72
CA VAL A 59 29.24 23.16 37.72
C VAL A 59 27.86 23.28 38.35
N LEU A 60 27.81 23.02 39.65
CA LEU A 60 26.55 22.96 40.38
C LEU A 60 26.31 24.24 41.17
N ASP A 61 25.07 24.76 41.10
CA ASP A 61 24.70 26.01 41.78
C ASP A 61 23.68 25.80 42.89
N ASP A 62 23.15 26.91 43.42
CA ASP A 62 22.21 26.79 44.53
C ASP A 62 20.84 26.23 44.12
N HIS A 63 20.40 26.50 42.90
CA HIS A 63 19.13 25.95 42.46
C HIS A 63 19.14 24.42 42.50
N TYR A 64 20.20 23.86 41.95
CA TYR A 64 20.42 22.43 41.95
C TYR A 64 20.35 21.87 43.36
N ARG A 65 21.12 22.45 44.27
CA ARG A 65 21.19 21.94 45.63
C ARG A 65 19.84 21.99 46.33
N ASP A 66 19.14 23.12 46.20
CA ASP A 66 17.78 23.26 46.73
C ASP A 66 16.87 22.13 46.22
N VAL A 67 16.90 21.87 44.90
CA VAL A 67 16.04 20.85 44.31
C VAL A 67 16.39 19.46 44.84
N LEU A 68 17.69 19.18 44.99
CA LEU A 68 18.13 17.91 45.60
C LEU A 68 17.55 17.72 46.99
N LYS A 69 17.76 18.70 47.86
CA LYS A 69 17.24 18.62 49.22
C LYS A 69 15.72 18.37 49.19
N GLU A 70 15.03 19.00 48.24
CA GLU A 70 13.60 18.80 48.12
C GLU A 70 13.27 17.38 47.71
N MET A 71 13.94 16.92 46.65
CA MET A 71 13.82 15.53 46.21
C MET A 71 14.13 14.54 47.32
N LYS A 72 15.19 14.80 48.09
CA LYS A 72 15.63 13.89 49.13
C LYS A 72 14.62 13.79 50.25
N ALA A 73 13.98 14.91 50.58
CA ALA A 73 13.01 14.92 51.67
C ALA A 73 11.84 14.04 51.32
N LYS A 74 11.47 14.03 50.04
CA LYS A 74 10.42 13.15 49.56
C LYS A 74 10.90 11.69 49.64
N ALA A 75 12.15 11.47 49.28
CA ALA A 75 12.67 10.12 49.24
C ALA A 75 12.71 9.53 50.65
N SER A 76 12.81 10.40 51.65
CA SER A 76 12.87 10.02 53.06
C SER A 76 11.62 9.28 53.50
N THR A 77 10.59 9.38 52.67
CA THR A 77 9.26 8.80 52.91
C THR A 77 9.18 7.30 52.65
N VAL A 78 10.14 6.79 51.88
CA VAL A 78 10.11 5.43 51.37
C VAL A 78 10.66 4.38 52.32
N LYS A 79 9.95 3.27 52.46
CA LYS A 79 10.49 2.08 53.07
C LYS A 79 10.57 0.99 52.01
N ALA A 80 11.79 0.57 51.67
CA ALA A 80 12.05 -0.39 50.59
C ALA A 80 12.45 -1.76 51.13
N LYS A 81 11.90 -2.81 50.53
CA LYS A 81 12.15 -4.18 50.97
C LYS A 81 13.39 -4.73 50.29
N LEU A 82 14.09 -5.58 51.03
CA LEU A 82 15.13 -6.44 50.48
C LEU A 82 14.44 -7.65 49.85
N LEU A 83 14.65 -7.84 48.55
CA LEU A 83 14.08 -9.00 47.89
C LEU A 83 14.83 -10.30 48.26
N SER A 84 14.12 -11.43 48.37
CA SER A 84 14.77 -12.73 48.55
C SER A 84 15.38 -13.20 47.24
N ILE A 85 16.29 -14.17 47.33
CA ILE A 85 16.98 -14.67 46.14
C ILE A 85 15.93 -15.24 45.19
N GLU A 86 15.01 -16.02 45.73
CA GLU A 86 13.91 -16.56 44.94
C GLU A 86 13.13 -15.45 44.23
N GLU A 87 12.61 -14.48 44.98
CA GLU A 87 11.82 -13.36 44.43
C GLU A 87 12.57 -12.74 43.26
N ALA A 88 13.84 -12.44 43.49
CA ALA A 88 14.65 -11.79 42.50
C ALA A 88 14.91 -12.70 41.30
N CYS A 89 15.13 -13.99 41.54
CA CYS A 89 15.31 -14.95 40.44
C CYS A 89 14.13 -14.92 39.47
N LYS A 90 12.91 -14.88 40.01
CA LYS A 90 11.70 -14.92 39.19
C LYS A 90 11.46 -13.61 38.44
N LEU A 91 12.28 -12.59 38.69
CA LEU A 91 12.24 -11.35 37.93
C LEU A 91 13.23 -11.36 36.76
N THR A 92 13.91 -12.48 36.54
CA THR A 92 14.91 -12.57 35.48
C THR A 92 14.29 -13.04 34.17
N PRO A 93 14.53 -12.28 33.09
CA PRO A 93 13.99 -12.67 31.78
C PRO A 93 14.61 -13.98 31.31
N PRO A 94 13.76 -14.90 30.83
CA PRO A 94 14.18 -16.24 30.40
C PRO A 94 15.34 -16.24 29.40
N HIS A 95 15.52 -15.15 28.65
CA HIS A 95 16.58 -15.12 27.63
C HIS A 95 17.64 -14.06 27.94
N SER A 96 17.62 -13.55 29.17
CA SER A 96 18.70 -12.73 29.69
C SER A 96 20.05 -13.46 29.48
N ALA A 97 21.12 -12.70 29.28
CA ALA A 97 22.41 -13.30 28.95
C ALA A 97 22.94 -14.23 30.03
N LYS A 98 23.45 -15.39 29.63
CA LYS A 98 23.97 -16.37 30.57
C LYS A 98 25.22 -15.86 31.30
N SER A 99 25.49 -16.45 32.46
CA SER A 99 26.63 -16.04 33.26
C SER A 99 27.95 -16.63 32.78
N LYS A 100 29.02 -15.94 33.16
CA LYS A 100 30.39 -16.39 32.96
C LYS A 100 30.65 -17.73 33.66
N PHE A 101 29.75 -18.09 34.56
CA PHE A 101 30.03 -19.12 35.55
C PHE A 101 29.24 -20.39 35.34
N GLY A 102 28.84 -20.64 34.10
CA GLY A 102 28.29 -21.93 33.74
C GLY A 102 26.80 -22.13 34.02
N TYR A 103 26.03 -21.06 33.88
CA TYR A 103 24.56 -21.15 34.03
C TYR A 103 23.91 -19.93 33.41
N GLY A 104 22.72 -20.14 32.87
CA GLY A 104 21.99 -19.11 32.17
C GLY A 104 20.68 -18.83 32.85
N ALA A 105 19.88 -17.93 32.26
CA ALA A 105 18.67 -17.43 32.88
C ALA A 105 17.71 -18.56 33.29
N LYS A 106 17.65 -19.61 32.46
CA LYS A 106 16.81 -20.75 32.75
C LYS A 106 17.14 -21.32 34.13
N ASP A 107 18.43 -21.48 34.43
CA ASP A 107 18.83 -22.11 35.68
C ASP A 107 18.45 -21.23 36.87
N VAL A 108 18.61 -19.92 36.69
CA VAL A 108 18.21 -18.94 37.70
C VAL A 108 16.73 -19.03 38.04
N ARG A 109 15.88 -19.14 37.03
CA ARG A 109 14.43 -19.23 37.27
C ARG A 109 14.07 -20.58 37.86
N ASN A 110 14.88 -21.60 37.56
CA ASN A 110 14.66 -22.93 38.13
C ASN A 110 15.22 -22.98 39.54
N LEU A 111 16.03 -21.97 39.86
CA LEU A 111 16.76 -21.91 41.13
C LEU A 111 17.76 -23.08 41.25
N SER A 112 18.42 -23.40 40.12
CA SER A 112 19.57 -24.30 40.07
C SER A 112 20.55 -24.00 41.16
N SER A 113 20.95 -25.04 41.91
CA SER A 113 21.87 -24.83 43.03
C SER A 113 23.18 -24.13 42.61
N ARG A 114 23.68 -24.41 41.41
CA ARG A 114 24.86 -23.71 40.92
C ARG A 114 24.59 -22.22 40.85
N ALA A 115 23.45 -21.87 40.27
CA ALA A 115 23.02 -20.48 40.14
C ALA A 115 22.83 -19.80 41.48
N VAL A 116 21.97 -20.33 42.36
CA VAL A 116 21.69 -19.61 43.59
C VAL A 116 22.90 -19.58 44.51
N ASN A 117 23.75 -20.59 44.41
CA ASN A 117 24.92 -20.58 45.25
C ASN A 117 25.90 -19.55 44.74
N HIS A 118 25.97 -19.37 43.43
CA HIS A 118 26.84 -18.32 42.91
C HIS A 118 26.30 -16.94 43.32
N ILE A 119 25.01 -16.73 43.15
CA ILE A 119 24.35 -15.48 43.51
C ILE A 119 24.53 -15.12 44.99
N ARG A 120 24.37 -16.10 45.86
CA ARG A 120 24.66 -15.93 47.28
C ARG A 120 26.11 -15.49 47.49
N SER A 121 27.01 -16.06 46.70
CA SER A 121 28.42 -15.74 46.77
C SER A 121 28.64 -14.28 46.28
N VAL A 122 27.98 -13.90 45.19
CA VAL A 122 28.10 -12.54 44.66
C VAL A 122 27.54 -11.55 45.67
N TRP A 123 26.48 -11.95 46.37
CA TRP A 123 25.88 -11.10 47.39
C TRP A 123 26.86 -10.85 48.53
N GLU A 124 27.40 -11.93 49.10
CA GLU A 124 28.37 -11.82 50.17
C GLU A 124 29.54 -10.94 49.76
N ASP A 125 29.95 -11.02 48.51
CA ASP A 125 31.08 -10.22 48.04
C ASP A 125 30.79 -8.71 48.10
N LEU A 126 29.54 -8.31 47.83
CA LEU A 126 29.15 -6.92 47.94
C LEU A 126 29.24 -6.43 49.39
N LEU A 127 29.09 -7.36 50.34
CA LEU A 127 29.23 -7.02 51.75
C LEU A 127 30.70 -6.99 52.23
N GLU A 128 31.54 -7.85 51.68
CA GLU A 128 32.95 -7.97 52.09
C GLU A 128 33.88 -6.99 51.41
N ASP A 129 33.62 -6.71 50.13
CA ASP A 129 34.50 -5.89 49.30
C ASP A 129 33.76 -4.60 48.94
N THR A 130 34.34 -3.46 49.29
CA THR A 130 33.67 -2.19 49.03
C THR A 130 34.31 -1.34 47.91
N GLU A 131 35.37 -1.82 47.27
CA GLU A 131 36.02 -0.99 46.27
C GLU A 131 36.39 -1.65 44.93
N THR A 132 36.53 -2.98 44.87
CA THR A 132 37.06 -3.56 43.64
C THR A 132 36.10 -3.49 42.45
N PRO A 133 36.46 -2.73 41.40
CA PRO A 133 35.59 -2.49 40.25
C PRO A 133 35.03 -3.77 39.70
N ILE A 134 33.73 -3.78 39.42
CA ILE A 134 33.11 -5.00 38.96
C ILE A 134 33.15 -5.05 37.45
N ASP A 135 33.56 -6.19 36.91
CA ASP A 135 33.64 -6.38 35.48
C ASP A 135 32.30 -6.10 34.77
N THR A 136 32.39 -5.53 33.58
CA THR A 136 31.22 -5.39 32.72
C THR A 136 31.59 -5.86 31.32
N THR A 137 30.58 -6.29 30.56
CA THR A 137 30.75 -6.57 29.16
C THR A 137 30.29 -5.39 28.31
N ILE A 138 30.98 -5.11 27.22
CA ILE A 138 30.47 -4.12 26.29
C ILE A 138 30.13 -4.79 24.94
N MET A 139 28.92 -4.55 24.44
CA MET A 139 28.43 -5.11 23.17
C MET A 139 27.82 -4.04 22.28
N ALA A 140 28.00 -4.20 20.98
CA ALA A 140 27.25 -3.38 20.05
C ALA A 140 25.88 -3.99 19.95
N LYS A 141 24.86 -3.15 19.95
CA LYS A 141 23.48 -3.58 19.98
C LYS A 141 22.94 -3.74 18.57
N SER A 142 22.11 -4.77 18.33
CA SER A 142 21.50 -4.89 17.00
C SER A 142 20.13 -4.24 16.95
N GLU A 143 20.05 -3.07 16.34
CA GLU A 143 18.76 -2.41 16.16
C GLU A 143 18.49 -2.05 14.69
N VAL A 144 17.22 -2.09 14.31
CA VAL A 144 16.80 -1.92 12.92
C VAL A 144 16.19 -0.55 12.65
N PHE A 145 16.60 0.09 11.56
CA PHE A 145 16.08 1.42 11.21
C PHE A 145 15.82 1.57 9.72
N CYS A 146 15.16 2.67 9.36
CA CYS A 146 15.09 3.09 7.98
C CYS A 146 16.09 4.20 7.78
N VAL A 147 16.77 4.20 6.63
CA VAL A 147 17.86 5.13 6.37
C VAL A 147 17.40 6.58 6.34
N GLN A 148 18.35 7.50 6.37
CA GLN A 148 18.03 8.91 6.51
C GLN A 148 17.68 9.56 5.15
N PRO A 149 16.73 10.53 5.15
CA PRO A 149 16.28 11.35 4.02
C PRO A 149 17.48 12.10 3.47
N GLU A 150 18.44 12.26 4.38
CA GLU A 150 19.87 12.44 4.18
C GLU A 150 20.64 11.25 3.50
N LYS A 151 20.20 10.83 2.30
CA LYS A 151 20.97 9.82 1.54
C LYS A 151 21.23 8.48 2.25
N GLY A 152 22.51 8.15 2.40
CA GLY A 152 22.90 6.82 2.86
C GLY A 152 23.77 6.88 4.10
N GLY A 153 23.23 7.50 5.13
CA GLY A 153 23.91 7.55 6.41
C GLY A 153 23.03 6.86 7.43
N ARG A 154 23.68 6.12 8.29
CA ARG A 154 22.97 5.22 9.16
C ARG A 154 23.39 5.56 10.55
N LYS A 155 22.51 5.32 11.52
CA LYS A 155 22.94 5.36 12.89
C LYS A 155 23.93 4.22 13.09
N PRO A 156 25.01 4.49 13.82
CA PRO A 156 25.91 3.42 14.25
C PRO A 156 25.25 2.66 15.37
N ALA A 157 25.67 1.43 15.61
CA ALA A 157 25.14 0.64 16.72
C ALA A 157 25.18 1.42 18.01
N ARG A 158 24.30 1.10 18.94
CA ARG A 158 24.44 1.65 20.27
C ARG A 158 25.23 0.65 21.08
N LEU A 159 25.74 1.10 22.22
CA LEU A 159 26.51 0.23 23.08
C LEU A 159 25.77 -0.11 24.34
N ILE A 160 25.54 -1.39 24.55
CA ILE A 160 25.08 -1.88 25.83
C ILE A 160 26.27 -2.25 26.75
N VAL A 161 26.17 -1.90 28.03
CA VAL A 161 27.19 -2.27 29.02
C VAL A 161 26.49 -2.87 30.24
N PHE A 162 26.87 -4.09 30.63
CA PHE A 162 26.14 -4.81 31.68
C PHE A 162 27.06 -5.75 32.49
N PRO A 163 26.80 -5.91 33.79
CA PRO A 163 27.56 -6.83 34.62
C PRO A 163 27.06 -8.28 34.45
N ASP A 164 27.72 -9.24 35.07
CA ASP A 164 27.35 -10.63 34.87
C ASP A 164 25.96 -10.92 35.46
N LEU A 165 25.35 -12.01 35.00
CA LEU A 165 24.01 -12.41 35.42
C LEU A 165 23.86 -12.47 36.95
N GLY A 166 24.92 -12.87 37.67
CA GLY A 166 24.81 -12.99 39.10
C GLY A 166 24.76 -11.67 39.83
N VAL A 167 25.58 -10.74 39.37
CA VAL A 167 25.48 -9.39 39.83
C VAL A 167 24.05 -8.90 39.60
N ARG A 168 23.53 -9.14 38.40
CA ARG A 168 22.26 -8.55 38.03
C ARG A 168 21.14 -8.99 38.97
N VAL A 169 21.17 -10.26 39.35
CA VAL A 169 20.17 -10.78 40.26
C VAL A 169 20.34 -10.11 41.62
N CYS A 170 21.59 -9.89 42.02
CA CYS A 170 21.82 -9.22 43.28
C CYS A 170 21.24 -7.83 43.21
N GLU A 171 21.55 -7.13 42.13
CA GLU A 171 21.00 -5.81 41.93
C GLU A 171 19.49 -5.75 42.20
N LYS A 172 18.77 -6.81 41.83
CA LYS A 172 17.35 -6.85 42.07
C LYS A 172 17.08 -6.95 43.57
N MET A 173 17.79 -7.85 44.25
CA MET A 173 17.61 -8.04 45.69
C MET A 173 17.82 -6.71 46.41
N ALA A 174 18.87 -6.00 46.02
CA ALA A 174 19.27 -4.77 46.69
C ALA A 174 18.37 -3.59 46.36
N LEU A 175 17.92 -3.51 45.12
CA LEU A 175 17.48 -2.23 44.59
C LEU A 175 16.17 -2.26 43.79
N TYR A 176 15.56 -3.44 43.66
CA TYR A 176 14.39 -3.56 42.82
C TYR A 176 13.25 -2.76 43.40
N ASP A 177 12.90 -3.03 44.67
CA ASP A 177 11.81 -2.32 45.31
C ASP A 177 12.08 -0.83 45.28
N VAL A 178 13.32 -0.43 45.53
CA VAL A 178 13.68 1.00 45.44
C VAL A 178 13.29 1.58 44.08
N VAL A 179 13.84 0.99 43.06
CA VAL A 179 13.74 1.48 41.69
C VAL A 179 12.30 1.46 41.16
N SER A 180 11.47 0.59 41.73
CA SER A 180 10.04 0.54 41.42
C SER A 180 9.20 1.57 42.17
N THR A 181 9.65 1.96 43.36
CA THR A 181 8.83 2.73 44.29
C THR A 181 9.22 4.19 44.38
N LEU A 182 10.52 4.46 44.42
CA LEU A 182 11.02 5.77 44.78
C LEU A 182 10.72 6.87 43.73
N PRO A 183 10.93 6.60 42.43
CA PRO A 183 10.69 7.68 41.46
C PRO A 183 9.33 8.35 41.58
N GLN A 184 8.26 7.59 41.79
CA GLN A 184 6.96 8.20 41.97
C GLN A 184 6.95 9.05 43.24
N ALA A 185 7.46 8.49 44.32
CA ALA A 185 7.50 9.15 45.61
C ALA A 185 8.24 10.48 45.57
N VAL A 186 9.26 10.57 44.73
CA VAL A 186 10.08 11.78 44.66
C VAL A 186 9.53 12.75 43.63
N MET A 187 9.10 12.23 42.49
CA MET A 187 8.75 13.07 41.34
C MET A 187 7.24 13.20 41.09
N GLY A 188 6.42 12.46 41.82
CA GLY A 188 4.98 12.55 41.68
C GLY A 188 4.44 12.44 40.27
N SER A 189 3.61 13.41 39.90
CA SER A 189 2.98 13.45 38.59
C SER A 189 3.99 13.44 37.44
N SER A 190 5.18 13.95 37.70
CA SER A 190 6.18 14.13 36.65
C SER A 190 6.82 12.82 36.23
N TYR A 191 6.64 11.77 37.02
CA TYR A 191 7.29 10.51 36.70
C TYR A 191 6.59 9.82 35.57
N GLY A 192 7.19 9.89 34.39
CA GLY A 192 6.59 9.37 33.17
C GLY A 192 6.01 7.96 33.22
N PHE A 193 6.80 7.01 33.71
CA PHE A 193 6.50 5.61 33.52
C PHE A 193 5.33 5.07 34.35
N GLN A 194 4.78 5.91 35.22
CA GLN A 194 3.63 5.50 36.04
C GLN A 194 2.38 5.56 35.20
N TYR A 195 2.56 5.90 33.93
CA TYR A 195 1.43 6.23 33.07
C TYR A 195 1.27 5.27 31.89
N SER A 196 0.08 4.67 31.79
CA SER A 196 -0.32 4.02 30.56
C SER A 196 -0.37 5.11 29.50
N PRO A 197 -0.20 4.72 28.23
CA PRO A 197 -0.28 5.69 27.13
C PRO A 197 -1.52 6.58 27.25
N LYS A 198 -2.67 5.98 27.58
CA LYS A 198 -3.90 6.73 27.78
C LYS A 198 -3.71 7.76 28.89
N GLN A 199 -3.19 7.31 30.03
CA GLN A 199 -2.97 8.22 31.15
C GLN A 199 -1.94 9.30 30.81
N ARG A 200 -0.90 8.94 30.05
CA ARG A 200 0.09 9.95 29.66
C ARG A 200 -0.50 11.09 28.80
N VAL A 201 -1.37 10.79 27.84
CA VAL A 201 -1.95 11.86 27.06
C VAL A 201 -2.91 12.66 27.96
N GLU A 202 -3.64 11.95 28.82
CA GLU A 202 -4.51 12.61 29.79
C GLU A 202 -3.73 13.67 30.56
N PHE A 203 -2.63 13.26 31.21
CA PHE A 203 -1.84 14.19 32.01
C PHE A 203 -1.32 15.36 31.18
N LEU A 204 -0.89 15.08 29.96
CA LEU A 204 -0.40 16.15 29.08
C LEU A 204 -1.51 17.15 28.72
N VAL A 205 -2.72 16.66 28.46
CA VAL A 205 -3.81 17.56 28.10
C VAL A 205 -4.19 18.38 29.32
N ASN A 206 -4.59 17.72 30.40
CA ASN A 206 -4.98 18.41 31.62
C ASN A 206 -3.93 19.44 32.04
N THR A 207 -2.65 19.10 31.86
CA THR A 207 -1.60 20.07 32.12
C THR A 207 -1.68 21.24 31.15
N TRP A 208 -1.83 20.93 29.87
CA TRP A 208 -1.92 21.95 28.84
C TRP A 208 -3.12 22.88 29.02
N LYS A 209 -4.22 22.36 29.53
CA LYS A 209 -5.41 23.18 29.71
C LYS A 209 -5.34 24.00 31.00
N SER A 210 -4.63 23.46 31.99
CA SER A 210 -4.48 24.12 33.29
C SER A 210 -3.73 25.45 33.21
N LYS A 211 -2.97 25.65 32.15
CA LYS A 211 -2.31 26.92 31.91
C LYS A 211 -3.27 27.97 31.33
N LYS A 212 -3.06 29.23 31.69
CA LYS A 212 -3.83 30.31 31.08
C LYS A 212 -3.39 30.49 29.64
N CYS A 213 -2.10 30.77 29.43
CA CYS A 213 -1.52 30.75 28.09
C CYS A 213 -0.34 29.76 28.06
N PRO A 214 -0.63 28.51 27.65
CA PRO A 214 0.28 27.36 27.58
C PRO A 214 1.48 27.59 26.67
N MET A 215 2.52 26.81 26.93
CA MET A 215 3.81 26.90 26.23
C MET A 215 4.67 25.68 26.57
N GLY A 216 4.72 24.72 25.66
CA GLY A 216 5.45 23.51 25.94
C GLY A 216 6.71 23.35 25.13
N PHE A 217 7.65 22.57 25.64
CA PHE A 217 8.86 22.27 24.89
C PHE A 217 9.45 20.95 25.31
N SER A 218 9.99 20.24 24.33
CA SER A 218 10.66 18.98 24.57
C SER A 218 12.16 19.22 24.68
N TYR A 219 12.80 18.50 25.58
CA TYR A 219 14.24 18.59 25.71
C TYR A 219 14.77 17.17 25.60
N ASP A 220 16.00 17.05 25.10
CA ASP A 220 16.66 15.77 24.96
C ASP A 220 18.17 15.93 24.91
N THR A 221 18.87 15.10 25.67
CA THR A 221 20.31 15.29 25.84
C THR A 221 21.12 14.42 24.87
N ARG A 222 22.10 15.05 24.22
CA ARG A 222 23.09 14.37 23.40
C ARG A 222 23.84 13.41 24.30
N CYS A 223 23.57 12.12 24.11
CA CYS A 223 24.17 11.02 24.88
C CYS A 223 24.08 11.23 26.38
N PHE A 224 22.85 11.29 26.89
CA PHE A 224 22.62 11.46 28.31
C PHE A 224 23.51 10.57 29.15
N ASP A 225 23.63 9.29 28.78
CA ASP A 225 24.39 8.31 29.57
C ASP A 225 25.86 8.68 29.77
N SER A 226 26.42 9.41 28.82
CA SER A 226 27.83 9.81 28.91
C SER A 226 27.95 11.10 29.68
N THR A 227 26.85 11.83 29.78
CA THR A 227 26.84 13.09 30.51
C THR A 227 26.63 12.91 32.00
N VAL A 228 26.26 11.70 32.40
CA VAL A 228 26.09 11.37 33.80
C VAL A 228 27.44 11.24 34.51
N THR A 229 27.83 12.23 35.30
CA THR A 229 29.12 12.21 35.98
C THR A 229 29.17 11.25 37.16
N GLU A 230 30.38 10.99 37.63
CA GLU A 230 30.60 10.23 38.85
C GLU A 230 29.81 10.87 40.00
N SER A 231 29.92 12.19 40.13
CA SER A 231 29.14 12.96 41.08
C SER A 231 27.64 12.74 40.96
N ASP A 232 27.12 12.71 39.73
CA ASP A 232 25.69 12.47 39.51
C ASP A 232 25.28 11.17 40.18
N ILE A 233 26.11 10.14 40.00
CA ILE A 233 25.78 8.79 40.44
C ILE A 233 25.87 8.67 41.96
N ARG A 234 26.75 9.46 42.58
CA ARG A 234 26.81 9.48 44.03
C ARG A 234 25.67 10.32 44.62
N VAL A 235 25.22 11.33 43.88
CA VAL A 235 24.06 12.12 44.31
C VAL A 235 22.86 11.22 44.31
N GLU A 236 22.74 10.49 43.22
CA GLU A 236 21.68 9.54 43.03
C GLU A 236 21.70 8.51 44.17
N GLU A 237 22.88 8.06 44.56
CA GLU A 237 22.97 7.18 45.69
C GLU A 237 22.46 7.87 46.97
N SER A 238 22.73 9.17 47.08
CA SER A 238 22.37 9.83 48.32
C SER A 238 20.86 9.91 48.43
N ILE A 239 20.16 10.03 47.30
CA ILE A 239 18.70 9.91 47.30
C ILE A 239 18.22 8.52 47.73
N TYR A 240 18.73 7.46 47.11
CA TYR A 240 18.42 6.08 47.48
C TYR A 240 18.61 5.83 48.97
N GLN A 241 19.71 6.33 49.49
CA GLN A 241 20.08 6.09 50.89
C GLN A 241 19.15 6.75 51.91
N CYS A 242 18.21 7.55 51.43
CA CYS A 242 17.22 8.20 52.29
C CYS A 242 16.09 7.25 52.62
N CYS A 243 16.07 6.11 51.95
CA CYS A 243 15.07 5.08 52.21
C CYS A 243 15.41 4.32 53.48
N ASP A 244 14.36 3.84 54.15
CA ASP A 244 14.55 2.85 55.19
C ASP A 244 14.98 1.55 54.52
N LEU A 245 16.19 1.10 54.86
CA LEU A 245 16.76 -0.04 54.19
C LEU A 245 17.28 -1.09 55.17
N ALA A 246 17.13 -2.34 54.80
CA ALA A 246 17.83 -3.42 55.47
C ALA A 246 19.31 -3.10 55.45
N PRO A 247 20.03 -3.45 56.52
CA PRO A 247 21.46 -3.16 56.62
C PRO A 247 22.25 -3.71 55.42
N GLU A 248 22.02 -4.97 55.07
CA GLU A 248 22.72 -5.55 53.92
C GLU A 248 22.30 -4.89 52.61
N ALA A 249 21.09 -4.33 52.58
CA ALA A 249 20.62 -3.62 51.40
C ALA A 249 21.39 -2.32 51.28
N ARG A 250 21.54 -1.65 52.41
CA ARG A 250 22.29 -0.41 52.44
C ARG A 250 23.75 -0.60 51.96
N GLN A 251 24.37 -1.72 52.32
CA GLN A 251 25.76 -1.91 51.96
C GLN A 251 25.86 -2.30 50.51
N ALA A 252 24.88 -3.11 50.08
CA ALA A 252 24.84 -3.54 48.70
C ALA A 252 24.73 -2.32 47.81
N ILE A 253 23.86 -1.39 48.18
CA ILE A 253 23.73 -0.17 47.42
C ILE A 253 25.04 0.62 47.48
N ARG A 254 25.60 0.67 48.67
CA ARG A 254 26.87 1.32 48.86
C ARG A 254 27.98 0.70 47.99
N SER A 255 28.04 -0.63 47.95
CA SER A 255 29.09 -1.28 47.18
C SER A 255 28.86 -1.21 45.70
N LEU A 256 27.63 -1.46 45.27
CA LEU A 256 27.31 -1.43 43.84
C LEU A 256 27.63 -0.07 43.24
N THR A 257 27.36 0.98 44.01
CA THR A 257 27.57 2.34 43.55
C THR A 257 29.06 2.57 43.31
N GLU A 258 29.90 2.23 44.29
CA GLU A 258 31.34 2.48 44.15
C GLU A 258 31.97 1.54 43.15
N ARG A 259 31.45 0.33 43.10
CA ARG A 259 32.09 -0.73 42.32
C ARG A 259 31.56 -0.88 40.91
N LEU A 260 30.29 -0.55 40.70
CA LEU A 260 29.67 -0.84 39.41
C LEU A 260 29.10 0.41 38.74
N TYR A 261 28.27 1.14 39.47
CA TYR A 261 27.52 2.25 38.89
C TYR A 261 28.38 3.45 38.46
N ILE A 262 29.30 3.94 39.29
CA ILE A 262 30.14 5.07 38.89
C ILE A 262 31.08 4.76 37.74
N GLY A 263 31.21 3.49 37.38
CA GLY A 263 32.16 3.11 36.35
C GLY A 263 33.03 1.90 36.61
N GLY A 264 33.90 1.56 35.66
CA GLY A 264 34.66 0.33 35.73
C GLY A 264 35.19 -0.17 34.40
N PRO A 265 35.92 -1.29 34.42
CA PRO A 265 36.54 -1.91 33.24
C PRO A 265 35.52 -2.48 32.25
N LEU A 266 35.87 -2.41 30.97
CA LEU A 266 35.00 -2.88 29.89
C LEU A 266 35.68 -4.06 29.22
N THR A 267 35.00 -5.20 29.23
CA THR A 267 35.51 -6.42 28.60
C THR A 267 34.65 -6.78 27.39
N ASN A 268 35.26 -7.25 26.29
CA ASN A 268 34.44 -7.59 25.14
C ASN A 268 34.07 -9.05 25.12
N SER A 269 33.39 -9.46 24.06
CA SER A 269 32.87 -10.81 23.95
C SER A 269 33.98 -11.85 23.94
N LYS A 270 35.14 -11.46 23.45
CA LYS A 270 36.32 -12.31 23.33
C LYS A 270 37.09 -12.39 24.63
N GLY A 271 36.71 -11.55 25.60
CA GLY A 271 37.35 -11.54 26.89
C GLY A 271 38.50 -10.56 27.08
N GLN A 272 38.75 -9.69 26.12
CA GLN A 272 39.85 -8.74 26.27
C GLN A 272 39.36 -7.41 26.83
N ASN A 273 40.28 -6.63 27.40
CA ASN A 273 39.94 -5.35 28.00
C ASN A 273 39.82 -4.21 26.99
N CYS A 274 38.61 -3.68 26.78
CA CYS A 274 38.47 -2.55 25.85
C CYS A 274 38.79 -1.22 26.52
N GLY A 275 38.66 -1.16 27.84
CA GLY A 275 38.97 0.04 28.58
C GLY A 275 38.07 0.31 29.76
N TYR A 276 37.66 1.57 29.93
CA TYR A 276 37.09 1.98 31.20
C TYR A 276 35.93 2.94 31.06
N ARG A 277 34.94 2.77 31.92
CA ARG A 277 33.74 3.62 31.93
C ARG A 277 33.70 4.50 33.15
N ARG A 278 33.51 5.79 32.95
CA ARG A 278 33.33 6.71 34.07
C ARG A 278 32.00 7.42 33.95
N CYS A 279 31.09 6.84 33.18
CA CYS A 279 29.75 7.39 33.05
C CYS A 279 28.75 6.29 33.32
N ARG A 280 27.48 6.58 33.12
CA ARG A 280 26.42 5.59 33.37
C ARG A 280 26.55 4.35 32.48
N ALA A 281 26.32 3.18 33.05
CA ALA A 281 26.21 1.98 32.24
C ALA A 281 24.77 1.75 31.85
N SER A 282 24.56 1.53 30.57
CA SER A 282 23.23 1.33 30.01
C SER A 282 22.52 0.09 30.52
N GLY A 283 23.27 -0.90 30.98
CA GLY A 283 22.69 -2.18 31.32
C GLY A 283 22.71 -2.58 32.79
N VAL A 284 22.56 -1.61 33.68
CA VAL A 284 22.40 -1.92 35.09
C VAL A 284 20.95 -1.65 35.49
N LEU A 285 20.54 -2.14 36.65
CA LEU A 285 19.14 -1.97 37.08
C LEU A 285 18.75 -0.52 37.30
N THR A 286 19.72 0.31 37.69
CA THR A 286 19.38 1.66 38.09
C THR A 286 19.44 2.64 36.92
N THR A 287 19.63 2.13 35.71
CA THR A 287 19.78 3.03 34.58
C THR A 287 18.57 3.93 34.35
N SER A 288 17.41 3.34 34.20
CA SER A 288 16.22 4.13 33.91
C SER A 288 15.83 5.01 35.09
N CYS A 289 15.88 4.43 36.29
CA CYS A 289 15.62 5.17 37.51
C CYS A 289 16.66 6.27 37.71
N GLY A 290 17.92 5.93 37.54
CA GLY A 290 18.97 6.92 37.64
C GLY A 290 18.78 8.04 36.64
N ASN A 291 18.63 7.70 35.37
CA ASN A 291 18.48 8.70 34.31
C ASN A 291 17.34 9.65 34.57
N THR A 292 16.21 9.10 35.01
CA THR A 292 15.03 9.91 35.24
C THR A 292 15.25 10.89 36.38
N LEU A 293 15.63 10.37 37.56
CA LEU A 293 15.96 11.22 38.70
C LEU A 293 16.94 12.32 38.34
N THR A 294 18.04 11.94 37.69
CA THR A 294 19.10 12.86 37.35
C THR A 294 18.56 13.93 36.42
N CYS A 295 17.78 13.51 35.43
CA CYS A 295 17.22 14.42 34.45
C CYS A 295 16.22 15.35 35.12
N TYR A 296 15.32 14.77 35.90
CA TYR A 296 14.32 15.52 36.64
C TYR A 296 14.98 16.60 37.46
N LEU A 297 16.08 16.25 38.12
CA LEU A 297 16.78 17.14 39.02
C LEU A 297 17.47 18.25 38.26
N LYS A 298 18.23 17.88 37.25
CA LYS A 298 18.91 18.87 36.42
C LYS A 298 17.90 19.80 35.74
N ALA A 299 16.86 19.21 35.17
CA ALA A 299 15.84 20.00 34.49
C ALA A 299 15.17 20.93 35.45
N THR A 300 14.69 20.39 36.59
CA THR A 300 13.87 21.20 37.49
C THR A 300 14.64 22.41 37.91
N ALA A 301 15.89 22.18 38.29
CA ALA A 301 16.80 23.26 38.65
C ALA A 301 17.01 24.28 37.52
N ALA A 302 17.01 23.84 36.26
CA ALA A 302 17.28 24.72 35.13
C ALA A 302 16.11 25.69 34.83
N CYS A 303 14.90 25.32 35.25
CA CYS A 303 13.75 26.20 35.14
C CYS A 303 13.91 27.37 36.10
N ARG A 304 14.06 27.05 37.37
CA ARG A 304 14.27 28.06 38.38
C ARG A 304 15.47 28.96 38.04
N ALA A 305 16.42 28.43 37.26
CA ALA A 305 17.58 29.21 36.86
C ALA A 305 17.25 30.13 35.68
N ALA A 306 16.24 29.74 34.91
CA ALA A 306 15.80 30.55 33.77
C ALA A 306 14.44 31.19 34.04
N LYS A 307 14.07 31.25 35.31
CA LYS A 307 12.86 31.94 35.77
C LYS A 307 11.59 31.70 34.94
N LEU A 308 11.49 30.53 34.30
CA LEU A 308 10.22 30.09 33.75
C LEU A 308 9.17 30.01 34.86
N GLN A 309 7.92 30.34 34.56
CA GLN A 309 6.90 30.29 35.60
C GLN A 309 5.92 29.13 35.39
N ASP A 310 5.54 28.50 36.51
CA ASP A 310 4.59 27.38 36.57
C ASP A 310 4.98 26.22 35.67
N CYS A 311 6.22 25.77 35.81
CA CYS A 311 6.67 24.62 35.05
C CYS A 311 6.04 23.35 35.58
N THR A 312 5.60 22.52 34.65
CA THR A 312 5.13 21.19 34.94
C THR A 312 5.88 20.30 33.99
N MET A 313 6.73 19.43 34.49
CA MET A 313 7.42 18.53 33.56
C MET A 313 6.96 17.08 33.66
N LEU A 314 7.21 16.37 32.57
CA LEU A 314 7.02 14.94 32.48
C LEU A 314 8.39 14.38 32.11
N VAL A 315 8.89 13.44 32.91
CA VAL A 315 10.22 12.91 32.66
C VAL A 315 10.20 11.38 32.50
N ASN A 316 10.87 10.94 31.44
CA ASN A 316 11.05 9.53 31.12
C ASN A 316 12.52 9.30 30.79
N GLY A 317 13.32 8.90 31.77
CA GLY A 317 14.75 8.86 31.59
C GLY A 317 15.30 10.17 31.04
N ASP A 318 15.96 10.08 29.90
CA ASP A 318 16.54 11.23 29.24
C ASP A 318 15.47 12.17 28.66
N ASP A 319 14.29 11.64 28.38
CA ASP A 319 13.25 12.41 27.69
C ASP A 319 12.45 13.34 28.60
N LEU A 320 12.43 14.61 28.22
CA LEU A 320 11.87 15.65 29.06
C LEU A 320 10.84 16.49 28.28
N VAL A 321 9.60 16.53 28.79
CA VAL A 321 8.58 17.47 28.31
C VAL A 321 8.35 18.52 29.35
N VAL A 322 8.20 19.78 28.94
CA VAL A 322 7.89 20.83 29.91
C VAL A 322 6.80 21.75 29.41
N ILE A 323 5.76 21.91 30.20
CA ILE A 323 4.66 22.81 29.86
C ILE A 323 4.54 23.90 30.91
N CYS A 324 4.52 25.16 30.49
CA CYS A 324 4.51 26.27 31.45
C CYS A 324 3.67 27.47 30.99
N GLU A 325 3.61 28.50 31.82
CA GLU A 325 2.93 29.76 31.50
C GLU A 325 3.79 30.64 30.61
N SER A 326 3.21 31.15 29.52
CA SER A 326 3.98 31.94 28.56
C SER A 326 4.18 33.37 29.03
N ALA A 327 5.33 33.94 28.68
CA ALA A 327 5.64 35.31 29.02
C ALA A 327 5.67 36.19 27.77
N GLY A 328 5.22 35.64 26.65
CA GLY A 328 5.30 36.34 25.38
C GLY A 328 6.36 35.73 24.49
N THR A 329 6.13 35.78 23.17
CA THR A 329 6.98 35.12 22.19
C THR A 329 8.49 35.35 22.39
N GLN A 330 8.89 36.60 22.51
CA GLN A 330 10.31 36.95 22.53
C GLN A 330 10.98 36.55 23.86
N GLU A 331 10.23 36.66 24.95
CA GLU A 331 10.69 36.23 26.26
C GLU A 331 10.97 34.73 26.26
N ASP A 332 9.95 33.95 25.91
CA ASP A 332 10.02 32.50 25.84
C ASP A 332 11.32 32.00 25.21
N ALA A 333 11.60 32.44 23.98
CA ALA A 333 12.83 32.02 23.31
C ALA A 333 14.07 32.31 24.14
N ALA A 334 14.10 33.47 24.80
CA ALA A 334 15.25 33.86 25.61
C ALA A 334 15.38 33.03 26.92
N ALA A 335 14.25 32.68 27.49
CA ALA A 335 14.23 31.86 28.70
C ALA A 335 14.67 30.44 28.36
N LEU A 336 14.10 29.89 27.30
CA LEU A 336 14.48 28.57 26.81
C LEU A 336 15.96 28.49 26.47
N ARG A 337 16.54 29.59 25.98
CA ARG A 337 17.97 29.62 25.77
C ARG A 337 18.66 29.41 27.10
N ALA A 338 18.14 30.06 28.15
CA ALA A 338 18.79 30.01 29.46
C ALA A 338 18.62 28.65 30.12
N PHE A 339 17.46 28.03 29.92
CA PHE A 339 17.23 26.68 30.39
C PHE A 339 18.40 25.82 29.89
N THR A 340 18.58 25.82 28.56
CA THR A 340 19.64 25.08 27.91
C THR A 340 21.03 25.44 28.45
N GLU A 341 21.24 26.72 28.79
CA GLU A 341 22.53 27.18 29.31
C GLU A 341 22.80 26.56 30.68
N ALA A 342 21.73 26.43 31.45
CA ALA A 342 21.77 25.79 32.76
C ALA A 342 22.07 24.29 32.65
N MET A 343 21.26 23.58 31.86
CA MET A 343 21.46 22.16 31.62
C MET A 343 22.87 21.89 31.14
N THR A 344 23.40 22.79 30.33
CA THR A 344 24.74 22.61 29.81
C THR A 344 25.77 22.79 30.91
N ARG A 345 25.51 23.72 31.82
CA ARG A 345 26.38 23.89 32.96
C ARG A 345 26.32 22.66 33.85
N TYR A 346 25.16 21.99 33.88
CA TYR A 346 25.00 20.75 34.65
C TYR A 346 25.46 19.52 33.88
N SER A 347 26.18 19.78 32.79
CA SER A 347 26.78 18.77 31.90
C SER A 347 25.76 18.02 31.07
N ALA A 348 24.77 18.72 30.53
CA ALA A 348 23.73 18.05 29.76
C ALA A 348 23.25 18.89 28.60
N PRO A 349 24.08 19.04 27.57
CA PRO A 349 23.70 19.77 26.36
C PRO A 349 22.67 18.99 25.55
N PRO A 350 21.90 19.68 24.72
CA PRO A 350 20.90 18.98 23.92
C PRO A 350 21.44 18.55 22.58
N GLY A 351 20.81 17.56 21.96
CA GLY A 351 21.12 17.24 20.59
C GLY A 351 20.79 18.48 19.78
N ASP A 352 19.50 18.75 19.65
CA ASP A 352 19.06 19.95 18.96
C ASP A 352 18.36 20.90 19.92
N PRO A 353 18.72 22.19 19.87
CA PRO A 353 18.22 23.15 20.84
C PRO A 353 16.71 23.14 20.91
N PRO A 354 16.16 23.15 22.13
CA PRO A 354 14.71 23.15 22.28
C PRO A 354 14.11 24.36 21.58
N GLN A 355 12.97 24.19 20.93
CA GLN A 355 12.25 25.32 20.37
C GLN A 355 10.84 25.33 20.94
N PRO A 356 10.44 26.49 21.49
CA PRO A 356 9.16 26.64 22.18
C PRO A 356 7.99 26.29 21.26
N GLU A 357 6.94 25.73 21.84
CA GLU A 357 5.79 25.29 21.06
C GLU A 357 4.48 25.78 21.66
N TYR A 358 3.55 26.19 20.81
CA TYR A 358 2.32 26.82 21.30
C TYR A 358 1.12 25.99 20.93
N ASP A 359 1.41 24.81 20.39
CA ASP A 359 0.41 23.78 20.18
C ASP A 359 0.94 22.53 20.84
N LEU A 360 0.13 21.92 21.70
CA LEU A 360 0.52 20.69 22.39
C LEU A 360 0.90 19.60 21.40
N GLU A 361 0.18 19.55 20.29
CA GLU A 361 0.30 18.49 19.30
C GLU A 361 1.65 18.46 18.60
N LEU A 362 2.30 19.63 18.49
CA LEU A 362 3.58 19.73 17.80
C LEU A 362 4.79 19.38 18.67
N ILE A 363 4.52 19.04 19.92
CA ILE A 363 5.57 18.68 20.88
C ILE A 363 5.82 17.19 20.88
N THR A 364 7.03 16.78 20.50
CA THR A 364 7.34 15.37 20.41
C THR A 364 8.36 14.95 21.48
N SER A 365 8.10 13.82 22.14
CA SER A 365 8.96 13.32 23.19
C SER A 365 8.74 11.83 23.43
N CYS A 366 9.83 11.10 23.65
CA CYS A 366 9.88 9.64 23.58
C CYS A 366 9.47 9.22 22.19
N SER A 367 9.92 10.00 21.20
CA SER A 367 9.60 9.81 19.79
C SER A 367 8.11 9.88 19.46
N SER A 368 7.26 10.19 20.44
CA SER A 368 5.81 10.18 20.25
C SER A 368 5.17 11.55 20.47
N ASN A 369 3.91 11.71 20.07
CA ASN A 369 3.19 12.96 20.29
C ASN A 369 1.68 12.78 20.50
N VAL A 370 1.04 13.82 21.01
CA VAL A 370 -0.42 13.85 21.12
C VAL A 370 -1.07 14.24 19.79
N SER A 371 -2.01 13.42 19.32
CA SER A 371 -2.80 13.77 18.13
C SER A 371 -4.27 13.61 18.45
N VAL A 372 -5.14 14.17 17.62
CA VAL A 372 -6.58 14.17 17.89
C VAL A 372 -7.37 13.28 16.94
N ALA A 373 -8.46 12.71 17.45
CA ALA A 373 -9.36 11.87 16.66
C ALA A 373 -10.76 11.91 17.26
N HIS A 374 -11.72 11.28 16.60
CA HIS A 374 -13.08 11.25 17.12
C HIS A 374 -13.57 9.80 17.28
N ASP A 375 -14.44 9.55 18.24
CA ASP A 375 -14.97 8.20 18.45
C ASP A 375 -16.30 7.99 17.70
N ALA A 376 -17.03 6.93 18.04
CA ALA A 376 -18.32 6.66 17.41
C ALA A 376 -19.27 7.83 17.60
N SER A 377 -19.44 8.26 18.85
CA SER A 377 -20.37 9.34 19.19
C SER A 377 -19.88 10.71 18.73
N GLY A 378 -18.78 10.74 17.98
CA GLY A 378 -18.28 11.97 17.38
C GLY A 378 -17.61 12.92 18.36
N LYS A 379 -17.60 12.58 19.64
CA LYS A 379 -16.97 13.42 20.64
C LYS A 379 -15.43 13.23 20.56
N ARG A 380 -14.72 14.35 20.61
CA ARG A 380 -13.31 14.44 20.28
C ARG A 380 -12.38 13.74 21.30
N VAL A 381 -11.59 12.77 20.82
CA VAL A 381 -10.71 11.93 21.65
C VAL A 381 -9.23 12.24 21.45
N TYR A 382 -8.48 12.31 22.55
CA TYR A 382 -7.03 12.46 22.48
C TYR A 382 -6.29 11.13 22.68
N TYR A 383 -5.29 10.90 21.83
CA TYR A 383 -4.48 9.68 21.83
C TYR A 383 -3.02 9.97 21.52
N LEU A 384 -2.18 8.96 21.73
CA LEU A 384 -0.74 9.08 21.52
C LEU A 384 -0.27 8.36 20.26
N THR A 385 0.28 9.12 19.32
CA THR A 385 0.81 8.53 18.10
C THR A 385 2.32 8.77 17.90
N ARG A 386 2.82 8.26 16.78
CA ARG A 386 4.25 8.25 16.53
C ARG A 386 4.51 8.22 15.02
N ASP A 387 5.65 8.74 14.58
CA ASP A 387 6.06 8.54 13.19
C ASP A 387 6.28 7.05 13.00
N PRO A 388 5.53 6.44 12.05
CA PRO A 388 5.50 4.98 11.93
C PRO A 388 6.69 4.40 11.17
N THR A 389 7.61 5.24 10.71
CA THR A 389 8.77 4.78 9.94
C THR A 389 9.46 3.62 10.64
N THR A 390 10.09 3.92 11.78
CA THR A 390 10.87 2.94 12.52
C THR A 390 10.00 1.73 12.95
N PRO A 391 8.78 1.95 13.48
CA PRO A 391 7.95 0.77 13.75
C PRO A 391 7.71 -0.15 12.55
N LEU A 392 7.36 0.40 11.39
CA LEU A 392 7.12 -0.41 10.20
C LEU A 392 8.41 -1.07 9.69
N ALA A 393 9.52 -0.35 9.79
CA ALA A 393 10.79 -0.87 9.30
C ALA A 393 11.17 -2.12 10.08
N ARG A 394 10.94 -2.07 11.38
CA ARG A 394 11.19 -3.20 12.24
C ARG A 394 10.17 -4.29 12.01
N ALA A 395 8.95 -3.92 11.66
CA ALA A 395 7.93 -4.91 11.39
C ALA A 395 8.31 -5.71 10.14
N ALA A 396 8.96 -5.04 9.17
CA ALA A 396 9.40 -5.72 7.96
C ALA A 396 10.60 -6.65 8.24
N TRP A 397 11.40 -6.28 9.24
CA TRP A 397 12.54 -7.11 9.63
C TRP A 397 12.05 -8.36 10.38
N GLU A 398 11.23 -8.15 11.40
CA GLU A 398 10.72 -9.26 12.21
C GLU A 398 9.74 -10.15 11.44
N THR A 399 9.50 -9.83 10.18
CA THR A 399 8.65 -10.66 9.33
C THR A 399 9.53 -11.62 8.54
N ALA A 400 10.69 -11.13 8.15
CA ALA A 400 11.57 -11.89 7.28
C ALA A 400 12.74 -12.57 8.00
N ARG A 401 12.71 -12.57 9.34
CA ARG A 401 13.80 -13.10 10.16
C ARG A 401 13.36 -13.23 11.60
N HIS A 402 13.77 -14.30 12.25
CA HIS A 402 13.36 -14.46 13.64
C HIS A 402 14.14 -13.52 14.54
N THR A 403 13.41 -12.78 15.36
CA THR A 403 14.01 -11.82 16.28
C THR A 403 13.73 -12.29 17.71
N PRO A 404 14.73 -12.11 18.61
CA PRO A 404 14.45 -12.38 20.02
C PRO A 404 13.25 -11.56 20.51
N ILE A 405 13.30 -10.25 20.31
CA ILE A 405 12.23 -9.37 20.79
C ILE A 405 11.33 -8.88 19.63
N ASN A 406 10.10 -9.39 19.62
CA ASN A 406 9.09 -8.98 18.65
C ASN A 406 8.60 -7.57 18.91
N SER A 407 9.21 -6.59 18.26
CA SER A 407 8.86 -5.18 18.48
C SER A 407 7.48 -4.78 17.95
N TRP A 408 6.98 -5.45 16.92
CA TRP A 408 5.69 -5.10 16.35
C TRP A 408 4.56 -5.30 17.34
N LEU A 409 4.68 -6.34 18.16
CA LEU A 409 3.66 -6.67 19.14
C LEU A 409 3.60 -5.58 20.20
N GLY A 410 4.77 -5.12 20.62
CA GLY A 410 4.85 -4.02 21.57
C GLY A 410 4.13 -2.79 21.07
N ASN A 411 4.39 -2.45 19.81
CA ASN A 411 3.82 -1.26 19.20
C ASN A 411 2.30 -1.33 19.01
N ILE A 412 1.77 -2.50 18.70
CA ILE A 412 0.32 -2.64 18.61
C ILE A 412 -0.29 -2.41 19.97
N ILE A 413 0.29 -3.03 20.98
CA ILE A 413 -0.19 -2.89 22.34
C ILE A 413 -0.16 -1.42 22.73
N MET A 414 0.98 -0.79 22.48
CA MET A 414 1.18 0.58 22.94
C MET A 414 0.48 1.62 22.07
N TYR A 415 0.47 1.40 20.75
CA TYR A 415 -0.10 2.39 19.83
C TYR A 415 -1.41 1.91 19.22
N ALA A 416 -2.11 1.05 19.95
CA ALA A 416 -3.40 0.53 19.53
C ALA A 416 -4.37 1.55 18.93
N PRO A 417 -4.45 2.77 19.49
CA PRO A 417 -5.50 3.59 18.87
C PRO A 417 -5.05 4.24 17.57
N THR A 418 -3.76 4.19 17.28
CA THR A 418 -3.26 4.94 16.14
C THR A 418 -3.73 4.36 14.82
N LEU A 419 -3.66 5.18 13.79
CA LEU A 419 -4.11 4.83 12.46
C LEU A 419 -3.33 3.66 11.87
N TRP A 420 -2.02 3.84 11.81
CA TRP A 420 -1.13 2.93 11.13
C TRP A 420 -1.00 1.59 11.84
N ALA A 421 -1.15 1.61 13.16
CA ALA A 421 -1.05 0.40 13.95
C ALA A 421 -2.21 -0.53 13.69
N ARG A 422 -3.39 0.05 13.46
CA ARG A 422 -4.59 -0.72 13.25
C ARG A 422 -4.66 -1.21 11.83
N MET A 423 -4.61 -0.27 10.89
CA MET A 423 -4.79 -0.63 9.49
C MET A 423 -3.64 -1.47 8.93
N ILE A 424 -2.41 -1.10 9.25
CA ILE A 424 -1.26 -1.76 8.64
C ILE A 424 -0.72 -2.87 9.53
N LEU A 425 -0.22 -2.52 10.71
CA LEU A 425 0.42 -3.47 11.60
C LEU A 425 -0.46 -4.67 11.93
N MET A 426 -1.60 -4.41 12.58
CA MET A 426 -2.56 -5.44 12.97
C MET A 426 -2.88 -6.37 11.82
N THR A 427 -3.32 -5.79 10.71
CA THR A 427 -3.68 -6.55 9.53
C THR A 427 -2.53 -7.43 9.05
N HIS A 428 -1.34 -6.84 8.93
CA HIS A 428 -0.20 -7.59 8.43
C HIS A 428 0.13 -8.79 9.29
N PHE A 429 0.15 -8.63 10.61
CA PHE A 429 0.61 -9.73 11.46
C PHE A 429 -0.50 -10.75 11.73
N PHE A 430 -1.72 -10.30 11.90
CA PHE A 430 -2.79 -11.27 12.00
C PHE A 430 -2.94 -12.06 10.69
N SER A 431 -2.48 -11.50 9.57
CA SER A 431 -2.51 -12.25 8.33
C SER A 431 -1.51 -13.39 8.38
N ILE A 432 -0.28 -13.04 8.73
CA ILE A 432 0.82 -13.99 8.82
C ILE A 432 0.48 -15.07 9.84
N LEU A 433 0.01 -14.64 11.01
CA LEU A 433 -0.20 -15.56 12.12
C LEU A 433 -1.31 -16.54 11.81
N LEU A 434 -2.20 -16.15 10.91
CA LEU A 434 -3.28 -17.05 10.55
C LEU A 434 -2.82 -18.08 9.52
N ALA A 435 -2.01 -17.65 8.56
CA ALA A 435 -1.48 -18.54 7.54
C ALA A 435 -0.64 -19.67 8.12
N GLN A 436 0.10 -19.38 9.19
CA GLN A 436 1.03 -20.35 9.77
C GLN A 436 0.60 -20.95 11.10
N GLU A 437 -0.70 -21.05 11.38
CA GLU A 437 -1.15 -21.81 12.53
C GLU A 437 -0.83 -21.18 13.89
N GLN A 438 -0.48 -19.89 13.96
CA GLN A 438 0.20 -19.45 15.18
C GLN A 438 -0.39 -18.25 15.90
N LEU A 439 -1.68 -18.30 16.18
CA LEU A 439 -2.34 -17.25 16.97
C LEU A 439 -2.12 -17.47 18.48
N GLU A 440 -1.88 -18.72 18.86
CA GLU A 440 -1.85 -19.09 20.27
C GLU A 440 -0.43 -19.13 20.86
N LYS A 441 0.59 -19.17 20.01
CA LYS A 441 1.97 -19.15 20.51
C LYS A 441 2.31 -17.80 21.14
N ALA A 442 2.67 -17.82 22.42
CA ALA A 442 3.00 -16.58 23.13
C ALA A 442 4.31 -16.01 22.63
N LEU A 443 4.37 -14.69 22.46
CA LEU A 443 5.53 -14.06 21.86
C LEU A 443 6.16 -13.05 22.81
N ASP A 444 7.48 -12.89 22.71
CA ASP A 444 8.20 -11.97 23.58
C ASP A 444 8.21 -10.54 23.03
N CYS A 445 7.75 -9.59 23.84
CA CYS A 445 7.81 -8.17 23.47
C CYS A 445 8.36 -7.31 24.59
N GLN A 446 8.42 -6.00 24.37
CA GLN A 446 9.09 -5.10 25.31
C GLN A 446 8.32 -3.81 25.57
N ILE A 447 7.72 -3.72 26.75
CA ILE A 447 7.01 -2.50 27.18
C ILE A 447 7.72 -1.77 28.33
N TYR A 448 8.10 -0.53 28.06
CA TYR A 448 8.79 0.31 29.04
C TYR A 448 10.11 -0.34 29.52
N GLY A 449 10.74 -1.11 28.64
CA GLY A 449 12.02 -1.71 28.97
C GLY A 449 11.96 -3.09 29.59
N ALA A 450 10.83 -3.43 30.19
CA ALA A 450 10.61 -4.76 30.72
C ALA A 450 10.15 -5.72 29.61
N CYS A 451 10.67 -6.93 29.64
CA CYS A 451 10.25 -7.96 28.71
C CYS A 451 8.91 -8.54 29.14
N TYR A 452 7.99 -8.68 28.21
CA TYR A 452 6.70 -9.30 28.49
C TYR A 452 6.53 -10.52 27.63
N SER A 453 5.63 -11.42 28.01
CA SER A 453 5.36 -12.57 27.16
C SER A 453 3.87 -12.72 26.91
N ILE A 454 3.43 -12.33 25.71
CA ILE A 454 2.01 -12.16 25.41
C ILE A 454 1.50 -12.96 24.20
N GLU A 455 0.31 -13.54 24.34
CA GLU A 455 -0.38 -14.22 23.25
C GLU A 455 -1.26 -13.26 22.46
N PRO A 456 -1.12 -13.29 21.12
CA PRO A 456 -1.84 -12.40 20.19
C PRO A 456 -3.35 -12.36 20.43
N LEU A 457 -3.91 -13.46 20.91
CA LEU A 457 -5.35 -13.59 21.02
C LEU A 457 -5.91 -12.86 22.22
N ASP A 458 -5.03 -12.28 23.03
CA ASP A 458 -5.43 -11.53 24.20
C ASP A 458 -5.32 -10.02 23.95
N LEU A 459 -5.24 -9.64 22.69
CA LEU A 459 -5.08 -8.22 22.35
C LEU A 459 -6.34 -7.35 22.53
N PRO A 460 -7.53 -7.87 22.19
CA PRO A 460 -8.71 -7.04 22.48
C PRO A 460 -8.80 -6.70 23.96
N GLN A 461 -8.62 -7.71 24.80
CA GLN A 461 -8.57 -7.53 26.25
C GLN A 461 -7.56 -6.45 26.64
N ILE A 462 -6.29 -6.71 26.33
CA ILE A 462 -5.19 -5.81 26.67
C ILE A 462 -5.42 -4.38 26.16
N ILE A 463 -5.84 -4.25 24.90
CA ILE A 463 -6.07 -2.91 24.34
C ILE A 463 -7.17 -2.18 25.14
N GLU A 464 -8.18 -2.91 25.58
CA GLU A 464 -9.27 -2.31 26.36
C GLU A 464 -8.81 -1.76 27.72
N ARG A 465 -7.87 -2.46 28.33
CA ARG A 465 -7.34 -2.01 29.62
C ARG A 465 -6.65 -0.66 29.49
N LEU A 466 -5.74 -0.58 28.52
CA LEU A 466 -4.86 0.55 28.36
C LEU A 466 -5.55 1.76 27.76
N HIS A 467 -6.17 1.59 26.59
CA HIS A 467 -6.71 2.73 25.85
C HIS A 467 -8.24 2.85 25.92
N GLY A 468 -8.89 1.90 26.57
CA GLY A 468 -10.35 1.84 26.60
C GLY A 468 -10.85 1.14 25.35
N LEU A 469 -12.17 1.08 25.18
CA LEU A 469 -12.73 0.42 23.99
C LEU A 469 -12.83 1.40 22.82
N SER A 470 -12.76 2.69 23.13
CA SER A 470 -12.81 3.73 22.10
C SER A 470 -11.67 3.58 21.09
N ALA A 471 -10.64 2.84 21.48
CA ALA A 471 -9.49 2.56 20.62
C ALA A 471 -9.84 1.57 19.52
N PHE A 472 -11.11 1.16 19.47
CA PHE A 472 -11.61 0.30 18.40
C PHE A 472 -12.55 1.09 17.50
N THR A 473 -12.71 2.38 17.76
CA THR A 473 -13.73 3.15 17.07
C THR A 473 -13.25 4.47 16.44
N LEU A 474 -12.09 4.97 16.88
CA LEU A 474 -11.56 6.25 16.37
C LEU A 474 -11.58 6.27 14.85
N HIS A 475 -12.03 7.38 14.25
CA HIS A 475 -12.19 7.38 12.80
C HIS A 475 -11.80 8.68 12.06
N SER A 476 -11.75 9.81 12.75
CA SER A 476 -11.44 11.05 12.04
C SER A 476 -10.10 11.65 12.49
N TYR A 477 -9.02 11.01 12.08
CA TYR A 477 -7.68 11.44 12.47
C TYR A 477 -7.30 12.77 11.80
N SER A 478 -6.42 13.53 12.45
CA SER A 478 -6.06 14.87 11.98
C SER A 478 -5.38 14.83 10.62
N PRO A 479 -5.47 15.93 9.86
CA PRO A 479 -4.81 16.00 8.55
C PRO A 479 -3.32 15.70 8.68
N GLY A 480 -2.65 16.30 9.67
CA GLY A 480 -1.21 16.20 9.78
C GLY A 480 -0.76 14.78 10.07
N GLU A 481 -1.60 14.07 10.79
CA GLU A 481 -1.32 12.70 11.15
C GLU A 481 -1.46 11.82 9.91
N ILE A 482 -2.58 11.96 9.20
CA ILE A 482 -2.79 11.27 7.94
C ILE A 482 -1.74 11.66 6.90
N ASN A 483 -1.31 12.92 6.92
CA ASN A 483 -0.30 13.38 5.98
C ASN A 483 1.04 12.74 6.28
N ARG A 484 1.36 12.63 7.56
CA ARG A 484 2.58 11.98 7.99
C ARG A 484 2.58 10.48 7.72
N VAL A 485 1.51 9.78 8.07
CA VAL A 485 1.41 8.35 7.79
C VAL A 485 1.55 8.04 6.30
N ALA A 486 0.77 8.77 5.49
CA ALA A 486 0.78 8.64 4.04
C ALA A 486 2.16 8.84 3.44
N SER A 487 2.88 9.86 3.91
CA SER A 487 4.22 10.14 3.42
C SER A 487 5.22 9.06 3.82
N CYS A 488 4.93 8.36 4.90
CA CYS A 488 5.79 7.29 5.38
C CYS A 488 5.62 6.05 4.53
N LEU A 489 4.39 5.74 4.14
CA LEU A 489 4.14 4.65 3.23
C LEU A 489 4.88 4.88 1.90
N ARG A 490 4.85 6.12 1.43
CA ARG A 490 5.54 6.50 0.19
C ARG A 490 7.05 6.30 0.30
N LYS A 491 7.58 6.57 1.49
CA LYS A 491 9.01 6.48 1.73
C LYS A 491 9.46 5.02 1.64
N LEU A 492 8.84 4.17 2.46
CA LEU A 492 9.26 2.77 2.57
C LEU A 492 8.72 1.91 1.44
N GLY A 493 7.70 2.41 0.75
CA GLY A 493 7.04 1.62 -0.27
C GLY A 493 5.99 0.67 0.30
N VAL A 494 5.14 1.20 1.16
CA VAL A 494 4.07 0.41 1.73
C VAL A 494 2.79 0.68 0.94
N PRO A 495 2.03 -0.37 0.61
CA PRO A 495 0.75 -0.17 -0.08
C PRO A 495 -0.16 0.81 0.68
N PRO A 496 -0.53 1.94 0.04
CA PRO A 496 -1.38 3.00 0.59
C PRO A 496 -2.58 2.46 1.35
N LEU A 497 -3.09 3.22 2.32
CA LEU A 497 -4.03 2.69 3.30
C LEU A 497 -5.27 2.02 2.69
N ARG A 498 -5.72 2.52 1.53
CA ARG A 498 -6.84 1.89 0.81
C ARG A 498 -6.63 0.37 0.69
N THR A 499 -5.39 -0.01 0.41
CA THR A 499 -5.01 -1.38 0.10
C THR A 499 -5.20 -2.33 1.28
N TRP A 500 -4.92 -1.82 2.48
CA TRP A 500 -4.97 -2.66 3.67
C TRP A 500 -6.40 -2.94 4.10
N ARG A 501 -7.34 -2.10 3.68
CA ARG A 501 -8.73 -2.24 4.08
C ARG A 501 -9.33 -3.58 3.62
N HIS A 502 -9.06 -4.02 2.39
CA HIS A 502 -9.61 -5.32 1.98
C HIS A 502 -8.76 -6.46 2.49
N ARG A 503 -7.44 -6.27 2.51
CA ARG A 503 -6.57 -7.26 3.15
C ARG A 503 -7.13 -7.54 4.54
N ALA A 504 -7.72 -6.50 5.14
CA ALA A 504 -8.34 -6.56 6.45
C ALA A 504 -9.79 -7.11 6.48
N ARG A 505 -10.55 -6.91 5.40
CA ARG A 505 -11.90 -7.49 5.36
C ARG A 505 -11.81 -9.02 5.33
N SER A 506 -11.01 -9.52 4.38
CA SER A 506 -10.63 -10.92 4.31
C SER A 506 -10.30 -11.37 5.72
N VAL A 507 -9.65 -10.47 6.42
CA VAL A 507 -8.88 -10.76 7.57
C VAL A 507 -9.86 -10.81 8.75
N ARG A 508 -10.92 -9.99 8.78
CA ARG A 508 -11.89 -10.12 9.87
C ARG A 508 -12.74 -11.35 9.64
N ALA A 509 -13.05 -11.64 8.37
CA ALA A 509 -13.69 -12.92 8.05
C ALA A 509 -12.92 -14.19 8.48
N LYS A 510 -11.60 -14.21 8.38
CA LYS A 510 -10.86 -15.45 8.74
C LYS A 510 -11.16 -15.74 10.23
N LEU A 511 -11.26 -14.68 11.00
CA LEU A 511 -11.24 -14.81 12.45
C LEU A 511 -12.62 -15.14 13.06
N LEU A 512 -13.67 -14.52 12.55
CA LEU A 512 -15.02 -14.83 13.03
C LEU A 512 -15.29 -16.30 12.80
N SER A 513 -14.80 -16.78 11.66
CA SER A 513 -14.84 -18.19 11.30
C SER A 513 -13.96 -19.07 12.19
N GLN A 514 -14.04 -18.89 13.50
CA GLN A 514 -13.16 -19.60 14.42
C GLN A 514 -13.55 -19.48 15.91
N GLY A 515 -14.48 -18.57 16.22
CA GLY A 515 -14.99 -18.42 17.58
C GLY A 515 -13.94 -18.20 18.65
N GLY A 516 -14.34 -18.31 19.91
CA GLY A 516 -13.43 -18.12 21.04
C GLY A 516 -12.88 -16.71 21.08
N ARG A 517 -11.70 -16.55 21.67
CA ARG A 517 -11.10 -15.22 21.77
C ARG A 517 -10.55 -14.78 20.41
N ALA A 518 -10.45 -15.74 19.48
CA ALA A 518 -10.02 -15.45 18.12
C ALA A 518 -11.05 -14.60 17.37
N ALA A 519 -12.33 -14.78 17.71
CA ALA A 519 -13.42 -14.15 16.98
C ALA A 519 -13.54 -12.69 17.38
N THR A 520 -13.41 -12.45 18.68
CA THR A 520 -13.51 -11.13 19.25
C THR A 520 -12.27 -10.30 18.92
N CYS A 521 -11.20 -10.97 18.49
CA CYS A 521 -10.11 -10.30 17.78
C CYS A 521 -10.62 -9.75 16.45
N GLY A 522 -11.20 -10.62 15.64
CA GLY A 522 -11.81 -10.20 14.38
C GLY A 522 -12.80 -9.07 14.55
N ARG A 523 -13.74 -9.22 15.50
CA ARG A 523 -14.80 -8.24 15.72
C ARG A 523 -14.29 -6.88 16.19
N TYR A 524 -13.48 -6.89 17.24
CA TYR A 524 -13.03 -5.64 17.88
C TYR A 524 -11.88 -4.99 17.10
N LEU A 525 -10.83 -5.75 16.81
CA LEU A 525 -9.65 -5.19 16.19
C LEU A 525 -9.93 -4.64 14.80
N PHE A 526 -10.91 -5.24 14.12
CA PHE A 526 -11.18 -4.91 12.73
C PHE A 526 -12.62 -4.46 12.49
N ASN A 527 -13.16 -3.71 13.43
CA ASN A 527 -14.46 -3.06 13.23
C ASN A 527 -14.29 -1.84 12.33
N TRP A 528 -13.07 -1.35 12.21
CA TRP A 528 -12.73 -0.27 11.31
C TRP A 528 -12.78 -0.73 9.86
N ALA A 529 -12.83 -2.04 9.68
CA ALA A 529 -12.65 -2.66 8.38
C ALA A 529 -13.97 -2.93 7.65
N VAL A 530 -14.98 -3.41 8.37
CA VAL A 530 -16.29 -3.60 7.75
C VAL A 530 -16.93 -2.25 7.49
N ARG A 531 -17.79 -2.18 6.48
CA ARG A 531 -18.50 -0.93 6.23
C ARG A 531 -19.81 -0.96 7.02
N THR A 532 -20.34 -2.15 7.30
CA THR A 532 -21.49 -2.29 8.21
C THR A 532 -21.05 -2.56 9.66
N LYS A 533 -20.43 -1.56 10.28
CA LYS A 533 -19.83 -1.72 11.61
C LYS A 533 -20.87 -2.03 12.67
N LEU A 534 -20.69 -3.16 13.36
CA LEU A 534 -21.55 -3.51 14.49
C LEU A 534 -21.06 -2.78 15.74
N LYS A 535 -21.90 -2.72 16.77
CA LYS A 535 -21.53 -2.08 18.03
C LYS A 535 -20.55 -2.94 18.83
N LEU A 536 -19.88 -2.31 19.79
CA LEU A 536 -18.92 -3.03 20.60
C LEU A 536 -19.16 -2.77 22.09
N THR A 537 -19.10 -3.83 22.90
CA THR A 537 -19.35 -3.71 24.33
C THR A 537 -18.20 -4.29 25.16
N PRO A 538 -17.94 -3.68 26.32
CA PRO A 538 -16.95 -4.09 27.33
C PRO A 538 -16.80 -5.61 27.52
N ILE A 539 -15.74 -6.17 26.96
CA ILE A 539 -15.47 -7.60 27.01
C ILE A 539 -15.28 -8.09 28.46
N PRO A 540 -15.92 -9.22 28.81
CA PRO A 540 -15.92 -9.98 30.08
C PRO A 540 -14.61 -10.01 30.86
N ALA A 541 -13.94 -11.15 30.81
CA ALA A 541 -12.59 -11.26 31.35
C ALA A 541 -11.65 -10.50 30.42
N ALA A 542 -11.62 -9.18 30.57
CA ALA A 542 -10.81 -8.33 29.72
C ALA A 542 -10.32 -7.04 30.41
N SER A 543 -10.02 -7.13 31.72
CA SER A 543 -9.40 -6.05 32.51
C SER A 543 -9.41 -6.43 33.98
N GLN A 544 -10.56 -6.95 34.37
CA GLN A 544 -10.78 -7.48 35.68
C GLN A 544 -10.42 -8.96 35.58
N LEU A 545 -10.11 -9.31 34.33
CA LEU A 545 -9.33 -10.47 33.94
C LEU A 545 -8.04 -10.71 34.73
N ASP A 546 -6.99 -9.99 34.35
CA ASP A 546 -5.66 -10.08 34.92
C ASP A 546 -5.22 -8.65 35.18
N LEU A 547 -4.64 -8.41 36.35
CA LEU A 547 -4.13 -7.08 36.68
C LEU A 547 -2.76 -7.30 37.32
N SER A 548 -2.04 -6.21 37.54
CA SER A 548 -0.83 -6.22 38.38
C SER A 548 -0.13 -4.86 38.43
N GLY A 549 1.06 -4.85 39.03
CA GLY A 549 1.97 -3.73 39.00
C GLY A 549 2.84 -3.78 37.76
N ASN A 550 2.24 -3.36 36.64
CA ASN A 550 2.86 -3.35 35.32
C ASN A 550 3.48 -2.02 34.96
N PHE A 551 2.62 -1.07 34.63
CA PHE A 551 3.01 0.27 34.23
C PHE A 551 3.14 1.16 35.45
N VAL A 552 4.12 0.85 36.30
CA VAL A 552 4.38 1.64 37.49
C VAL A 552 5.82 2.20 37.41
N ALA A 553 6.61 1.67 36.47
CA ALA A 553 8.01 2.08 36.32
C ALA A 553 8.69 1.48 35.06
N GLY A 554 9.76 2.12 34.60
CA GLY A 554 10.52 1.65 33.45
C GLY A 554 11.82 0.96 33.81
N TYR A 555 12.25 0.03 32.96
CA TYR A 555 13.42 -0.78 33.27
C TYR A 555 14.31 -0.93 32.05
N SER A 556 14.47 0.17 31.33
CA SER A 556 15.28 0.21 30.11
C SER A 556 16.73 -0.24 30.39
N GLY A 557 17.08 -1.39 29.85
CA GLY A 557 18.39 -1.96 30.06
C GLY A 557 18.57 -2.48 31.47
N GLY A 558 17.45 -2.74 32.14
CA GLY A 558 17.48 -3.14 33.54
C GLY A 558 17.28 -4.62 33.79
N ASP A 559 17.07 -5.39 32.72
CA ASP A 559 16.97 -6.85 32.80
C ASP A 559 15.78 -7.29 33.66
N ILE A 560 14.60 -6.74 33.37
CA ILE A 560 13.42 -7.01 34.19
C ILE A 560 12.36 -7.73 33.39
N TYR A 561 11.73 -8.69 34.02
CA TYR A 561 10.74 -9.53 33.37
C TYR A 561 9.39 -9.60 34.08
N HIS A 562 8.33 -9.33 33.32
CA HIS A 562 6.97 -9.52 33.78
C HIS A 562 6.19 -10.32 32.74
N SER A 563 5.66 -11.48 33.12
CA SER A 563 4.70 -12.18 32.25
C SER A 563 3.33 -11.73 32.70
N LEU A 564 3.36 -10.87 33.73
CA LEU A 564 2.27 -10.02 34.17
C LEU A 564 1.23 -9.78 33.08
N SER A 565 -0.04 -10.01 33.39
CA SER A 565 -1.13 -9.68 32.48
C SER A 565 -0.92 -10.33 31.12
N SER B 1 10.76 -7.98 -43.59
CA SER B 1 9.67 -8.49 -44.43
C SER B 1 8.49 -7.52 -44.47
N MET B 2 7.59 -7.75 -45.42
CA MET B 2 6.45 -6.87 -45.64
C MET B 2 5.21 -7.35 -44.91
N SER B 3 4.57 -6.43 -44.20
CA SER B 3 3.36 -6.71 -43.44
C SER B 3 2.29 -7.27 -44.36
N TYR B 4 2.16 -6.67 -45.53
CA TYR B 4 1.19 -7.15 -46.50
C TYR B 4 1.79 -7.17 -47.89
N THR B 5 1.22 -8.02 -48.72
CA THR B 5 1.51 -8.03 -50.14
C THR B 5 0.15 -8.09 -50.84
N TRP B 6 -0.03 -7.36 -51.94
CA TRP B 6 -1.35 -7.22 -52.56
C TRP B 6 -1.39 -7.68 -54.03
N THR B 7 -2.44 -8.41 -54.40
CA THR B 7 -2.57 -8.91 -55.79
C THR B 7 -3.08 -7.83 -56.71
N GLY B 8 -3.73 -6.83 -56.14
CA GLY B 8 -4.27 -5.76 -56.94
C GLY B 8 -5.79 -5.75 -56.92
N ALA B 9 -6.38 -6.91 -56.69
CA ALA B 9 -7.82 -7.02 -56.43
C ALA B 9 -8.24 -6.11 -55.27
N LEU B 10 -9.45 -5.55 -55.39
CA LEU B 10 -9.95 -4.62 -54.39
C LEU B 10 -10.56 -5.32 -53.18
N ILE B 11 -10.51 -4.61 -52.05
CA ILE B 11 -11.27 -4.95 -50.87
C ILE B 11 -12.71 -4.50 -51.08
N THR B 12 -13.61 -5.48 -51.12
CA THR B 12 -14.98 -5.25 -51.55
C THR B 12 -15.97 -5.30 -50.39
N PRO B 13 -17.07 -4.52 -50.48
CA PRO B 13 -18.17 -4.66 -49.53
C PRO B 13 -18.97 -5.92 -49.80
N CYS B 14 -19.77 -6.41 -48.87
CA CYS B 14 -20.61 -7.58 -49.13
C CYS B 14 -22.07 -7.20 -49.03
N ALA B 15 -22.30 -5.89 -48.96
CA ALA B 15 -23.64 -5.31 -48.90
C ALA B 15 -23.50 -3.81 -49.09
N ALA B 16 -24.62 -3.11 -49.17
CA ALA B 16 -24.58 -1.67 -49.37
C ALA B 16 -23.99 -1.00 -48.13
N GLU B 17 -23.36 0.16 -48.31
CA GLU B 17 -22.69 0.87 -47.22
C GLU B 17 -23.18 2.31 -47.08
N GLU B 18 -23.77 2.63 -45.94
CA GLU B 18 -24.12 4.02 -45.69
C GLU B 18 -22.94 4.77 -45.13
N SER B 19 -22.89 6.08 -45.37
CA SER B 19 -21.78 6.86 -44.87
C SER B 19 -22.22 8.20 -44.27
N LYS B 20 -23.37 8.71 -44.68
CA LYS B 20 -23.85 10.01 -44.20
C LYS B 20 -25.00 9.84 -43.19
N LEU B 21 -24.99 10.64 -42.11
CA LEU B 21 -26.05 10.52 -41.09
C LEU B 21 -27.35 11.08 -41.61
N PRO B 22 -28.43 10.28 -41.53
CA PRO B 22 -29.77 10.70 -41.97
C PRO B 22 -30.27 11.95 -41.24
N ILE B 23 -31.15 12.72 -41.87
CA ILE B 23 -31.79 13.83 -41.19
C ILE B 23 -33.08 13.30 -40.53
N ASN B 24 -32.93 12.87 -39.26
CA ASN B 24 -33.97 12.14 -38.53
C ASN B 24 -34.34 12.86 -37.22
N PRO B 25 -35.63 12.85 -36.83
CA PRO B 25 -36.14 13.62 -35.68
C PRO B 25 -35.53 13.20 -34.32
N LEU B 26 -35.46 11.89 -34.08
CA LEU B 26 -34.83 11.37 -32.87
C LEU B 26 -33.34 11.73 -32.72
N SER B 27 -32.57 11.53 -33.78
CA SER B 27 -31.15 11.86 -33.74
C SER B 27 -30.95 13.37 -33.70
N ASN B 28 -31.83 14.10 -34.39
CA ASN B 28 -31.69 15.55 -34.50
C ASN B 28 -31.88 16.23 -33.15
N SER B 29 -32.65 15.59 -32.27
CA SER B 29 -32.83 16.12 -30.92
C SER B 29 -31.52 15.99 -30.07
N LEU B 30 -30.52 15.29 -30.59
CA LEU B 30 -29.26 15.10 -29.86
C LEU B 30 -28.11 15.78 -30.58
N LEU B 31 -28.04 15.62 -31.90
CA LEU B 31 -26.97 16.23 -32.69
C LEU B 31 -27.51 16.89 -33.98
N ARG B 32 -27.24 18.19 -34.15
CA ARG B 32 -27.80 18.92 -35.27
C ARG B 32 -26.82 19.06 -36.43
N HIS B 33 -25.53 19.20 -36.14
CA HIS B 33 -24.52 19.29 -37.20
C HIS B 33 -24.30 17.93 -37.85
N HIS B 34 -25.34 17.37 -38.47
CA HIS B 34 -25.28 15.99 -38.92
C HIS B 34 -24.26 15.77 -40.05
N ASN B 35 -23.93 16.83 -40.78
CA ASN B 35 -22.92 16.76 -41.85
C ASN B 35 -21.51 16.48 -41.33
N MET B 36 -21.35 16.48 -40.02
CA MET B 36 -20.04 16.29 -39.47
C MET B 36 -19.85 14.84 -39.06
N VAL B 37 -20.96 14.11 -38.99
CA VAL B 37 -20.90 12.70 -38.64
C VAL B 37 -20.78 11.84 -39.91
N TYR B 38 -19.68 11.12 -40.04
CA TYR B 38 -19.55 10.24 -41.19
C TYR B 38 -19.25 8.83 -40.77
N ALA B 39 -19.54 7.89 -41.65
CA ALA B 39 -19.18 6.50 -41.43
C ALA B 39 -18.20 6.09 -42.51
N THR B 40 -17.10 5.45 -42.13
CA THR B 40 -16.15 4.92 -43.10
C THR B 40 -16.80 3.78 -43.92
N THR B 41 -16.29 3.60 -45.14
CA THR B 41 -16.75 2.53 -46.02
C THR B 41 -15.58 1.92 -46.76
N SER B 42 -15.87 0.89 -47.55
CA SER B 42 -14.87 0.21 -48.37
C SER B 42 -14.25 1.09 -49.46
N ARG B 43 -14.92 2.20 -49.81
CA ARG B 43 -14.35 3.15 -50.76
C ARG B 43 -13.01 3.75 -50.30
N SER B 44 -12.72 3.72 -49.00
CA SER B 44 -11.48 4.31 -48.50
C SER B 44 -10.41 3.26 -48.25
N ALA B 45 -10.74 2.00 -48.50
CA ALA B 45 -9.90 0.89 -48.14
C ALA B 45 -8.47 1.04 -48.65
N SER B 46 -8.29 1.43 -49.91
CA SER B 46 -6.95 1.46 -50.48
C SER B 46 -6.01 2.42 -49.75
N LEU B 47 -6.57 3.51 -49.22
CA LEU B 47 -5.76 4.45 -48.46
C LEU B 47 -5.26 3.77 -47.18
N ARG B 48 -6.07 2.89 -46.63
CA ARG B 48 -5.66 2.18 -45.42
C ARG B 48 -4.58 1.20 -45.78
N GLN B 49 -4.73 0.57 -46.93
CA GLN B 49 -3.75 -0.39 -47.37
C GLN B 49 -2.39 0.28 -47.38
N LYS B 50 -2.28 1.45 -48.00
CA LYS B 50 -0.98 2.12 -48.07
C LYS B 50 -0.37 2.32 -46.68
N LYS B 51 -1.19 2.71 -45.71
CA LYS B 51 -0.68 3.07 -44.39
C LYS B 51 -0.27 1.83 -43.62
N VAL B 52 -0.89 0.72 -43.96
CA VAL B 52 -0.79 -0.50 -43.19
C VAL B 52 0.30 -1.44 -43.73
N THR B 53 0.87 -1.06 -44.87
CA THR B 53 1.80 -1.88 -45.64
C THR B 53 3.23 -1.33 -45.58
N PHE B 54 4.12 -2.00 -44.85
CA PHE B 54 5.51 -1.54 -44.81
C PHE B 54 6.51 -2.62 -44.40
N ASP B 55 7.80 -2.33 -44.60
CA ASP B 55 8.85 -3.23 -44.13
C ASP B 55 8.97 -3.11 -42.61
N ARG B 56 9.27 -4.23 -41.95
CA ARG B 56 9.48 -4.23 -40.52
C ARG B 56 10.90 -4.59 -40.13
N LEU B 57 11.47 -3.68 -39.36
CA LEU B 57 12.85 -3.76 -38.92
C LEU B 57 12.83 -4.20 -37.49
N GLN B 58 13.42 -5.36 -37.20
CA GLN B 58 13.44 -5.87 -35.84
C GLN B 58 14.77 -6.45 -35.47
N VAL B 59 15.27 -6.00 -34.33
CA VAL B 59 16.54 -6.44 -33.77
C VAL B 59 16.33 -6.80 -32.29
N LEU B 60 16.61 -8.04 -31.91
CA LEU B 60 16.43 -8.44 -30.53
C LEU B 60 17.75 -8.37 -29.75
N ASP B 61 17.64 -8.14 -28.44
CA ASP B 61 18.81 -7.94 -27.60
C ASP B 61 18.71 -8.74 -26.29
N ASP B 62 19.73 -8.62 -25.44
CA ASP B 62 19.75 -9.37 -24.19
C ASP B 62 18.60 -8.94 -23.26
N HIS B 63 18.28 -7.63 -23.23
CA HIS B 63 17.14 -7.16 -22.46
C HIS B 63 15.85 -7.85 -22.86
N TYR B 64 15.61 -7.92 -24.16
CA TYR B 64 14.44 -8.59 -24.70
C TYR B 64 14.45 -10.06 -24.27
N ARG B 65 15.54 -10.76 -24.51
CA ARG B 65 15.61 -12.17 -24.14
C ARG B 65 15.53 -12.40 -22.64
N ASP B 66 16.12 -11.51 -21.85
CA ASP B 66 15.98 -11.65 -20.39
C ASP B 66 14.52 -11.51 -19.99
N VAL B 67 13.82 -10.58 -20.63
CA VAL B 67 12.44 -10.32 -20.24
C VAL B 67 11.55 -11.46 -20.70
N LEU B 68 11.86 -12.02 -21.86
CA LEU B 68 11.06 -13.11 -22.41
C LEU B 68 11.11 -14.35 -21.51
N LYS B 69 12.31 -14.71 -21.02
CA LYS B 69 12.47 -15.83 -20.09
C LYS B 69 11.72 -15.61 -18.76
N GLU B 70 11.78 -14.39 -18.24
CA GLU B 70 11.05 -14.10 -17.00
C GLU B 70 9.56 -14.33 -17.20
N MET B 71 9.04 -13.87 -18.34
CA MET B 71 7.62 -14.02 -18.71
C MET B 71 7.25 -15.49 -18.89
N LYS B 72 8.19 -16.24 -19.49
CA LYS B 72 8.01 -17.67 -19.73
C LYS B 72 7.91 -18.42 -18.39
N ALA B 73 8.75 -18.05 -17.43
CA ALA B 73 8.82 -18.73 -16.12
C ALA B 73 7.50 -18.63 -15.43
N LYS B 74 6.84 -17.49 -15.62
CA LYS B 74 5.51 -17.28 -15.05
C LYS B 74 4.46 -17.98 -15.89
N ALA B 75 4.67 -18.06 -17.19
CA ALA B 75 3.70 -18.75 -18.03
C ALA B 75 3.64 -20.24 -17.66
N SER B 76 4.80 -20.84 -17.37
CA SER B 76 4.87 -22.28 -17.13
C SER B 76 4.22 -22.64 -15.80
N THR B 77 3.64 -21.63 -15.15
CA THR B 77 2.91 -21.84 -13.92
C THR B 77 1.48 -22.27 -14.20
N VAL B 78 1.08 -22.20 -15.46
CA VAL B 78 -0.34 -22.26 -15.84
C VAL B 78 -0.79 -23.62 -16.33
N LYS B 79 -1.96 -24.06 -15.90
CA LYS B 79 -2.59 -25.22 -16.51
C LYS B 79 -3.88 -24.79 -17.21
N ALA B 80 -3.90 -24.92 -18.53
CA ALA B 80 -5.08 -24.54 -19.31
C ALA B 80 -5.85 -25.74 -19.81
N LYS B 81 -7.18 -25.63 -19.77
CA LYS B 81 -8.03 -26.75 -20.17
C LYS B 81 -8.54 -26.58 -21.59
N LEU B 82 -8.74 -27.72 -22.25
CA LEU B 82 -9.37 -27.81 -23.56
C LEU B 82 -10.87 -27.55 -23.44
N LEU B 83 -11.44 -26.77 -24.35
CA LEU B 83 -12.88 -26.56 -24.31
C LEU B 83 -13.59 -27.62 -25.13
N SER B 84 -14.78 -28.00 -24.68
CA SER B 84 -15.66 -28.86 -25.46
C SER B 84 -16.20 -28.10 -26.67
N ILE B 85 -16.73 -28.81 -27.67
CA ILE B 85 -17.38 -28.14 -28.78
C ILE B 85 -18.53 -27.27 -28.27
N GLU B 86 -19.30 -27.83 -27.33
CA GLU B 86 -20.44 -27.14 -26.73
C GLU B 86 -20.07 -25.79 -26.09
N GLU B 87 -19.04 -25.78 -25.25
CA GLU B 87 -18.61 -24.56 -24.56
C GLU B 87 -18.11 -23.50 -25.54
N ALA B 88 -17.37 -23.95 -26.56
CA ALA B 88 -16.82 -23.03 -27.54
C ALA B 88 -17.96 -22.43 -28.35
N CYS B 89 -18.91 -23.29 -28.74
CA CYS B 89 -20.09 -22.85 -29.45
C CYS B 89 -20.85 -21.80 -28.68
N LYS B 90 -21.00 -22.01 -27.37
CA LYS B 90 -21.78 -21.12 -26.54
C LYS B 90 -21.08 -19.78 -26.32
N LEU B 91 -19.82 -19.71 -26.75
CA LEU B 91 -19.08 -18.47 -26.71
C LEU B 91 -19.15 -17.66 -28.01
N THR B 92 -19.72 -18.27 -29.06
CA THR B 92 -19.90 -17.56 -30.33
C THR B 92 -21.06 -16.58 -30.23
N PRO B 93 -20.80 -15.29 -30.53
CA PRO B 93 -21.87 -14.27 -30.60
C PRO B 93 -22.91 -14.58 -31.68
N PRO B 94 -24.19 -14.35 -31.37
CA PRO B 94 -25.35 -14.70 -32.21
C PRO B 94 -25.35 -14.07 -33.62
N HIS B 95 -24.54 -13.05 -33.86
CA HIS B 95 -24.52 -12.39 -35.16
C HIS B 95 -23.13 -12.37 -35.80
N SER B 96 -22.25 -13.20 -35.26
CA SER B 96 -20.93 -13.41 -35.84
C SER B 96 -21.04 -13.89 -37.30
N ALA B 97 -20.07 -13.49 -38.12
CA ALA B 97 -20.06 -13.81 -39.54
C ALA B 97 -20.26 -15.30 -39.83
N LYS B 98 -21.22 -15.58 -40.71
CA LYS B 98 -21.60 -16.96 -41.05
C LYS B 98 -20.47 -17.71 -41.71
N SER B 99 -20.58 -19.03 -41.69
CA SER B 99 -19.59 -19.87 -42.36
C SER B 99 -19.80 -19.87 -43.86
N LYS B 100 -18.72 -20.07 -44.60
CA LYS B 100 -18.79 -20.28 -46.03
C LYS B 100 -19.36 -21.67 -46.33
N PHE B 101 -19.31 -22.56 -45.33
CA PHE B 101 -19.66 -23.96 -45.52
C PHE B 101 -21.05 -24.31 -45.00
N GLY B 102 -21.99 -23.37 -45.12
CA GLY B 102 -23.40 -23.65 -44.95
C GLY B 102 -24.03 -23.58 -43.57
N TYR B 103 -23.52 -22.69 -42.72
CA TYR B 103 -24.13 -22.52 -41.41
C TYR B 103 -23.67 -21.21 -40.80
N GLY B 104 -24.36 -20.77 -39.75
CA GLY B 104 -24.10 -19.48 -39.15
C GLY B 104 -23.97 -19.53 -37.65
N ALA B 105 -23.93 -18.36 -37.02
CA ALA B 105 -23.73 -18.28 -35.59
C ALA B 105 -24.90 -18.94 -34.88
N LYS B 106 -26.09 -18.67 -35.39
CA LYS B 106 -27.33 -19.28 -34.91
C LYS B 106 -27.21 -20.80 -34.82
N ASP B 107 -26.62 -21.41 -35.83
CA ASP B 107 -26.56 -22.86 -35.91
C ASP B 107 -25.46 -23.36 -35.00
N VAL B 108 -24.41 -22.54 -34.87
CA VAL B 108 -23.27 -22.88 -34.01
C VAL B 108 -23.68 -22.92 -32.54
N ARG B 109 -24.43 -21.91 -32.10
CA ARG B 109 -24.91 -21.86 -30.71
C ARG B 109 -26.02 -22.86 -30.44
N ASN B 110 -26.74 -23.26 -31.49
CA ASN B 110 -27.83 -24.22 -31.35
C ASN B 110 -27.27 -25.64 -31.40
N LEU B 111 -25.99 -25.74 -31.78
CA LEU B 111 -25.28 -26.99 -31.90
C LEU B 111 -25.81 -27.87 -33.02
N SER B 112 -26.07 -27.27 -34.18
CA SER B 112 -26.58 -28.06 -35.29
C SER B 112 -25.58 -29.09 -35.84
N SER B 113 -26.13 -30.20 -36.32
CA SER B 113 -25.39 -31.32 -36.86
C SER B 113 -24.44 -30.82 -37.89
N ARG B 114 -24.98 -30.09 -38.87
CA ARG B 114 -24.15 -29.58 -39.94
C ARG B 114 -22.99 -28.74 -39.37
N ALA B 115 -23.31 -27.87 -38.42
CA ALA B 115 -22.29 -27.04 -37.78
C ALA B 115 -21.30 -27.87 -36.99
N VAL B 116 -21.82 -28.70 -36.10
CA VAL B 116 -20.96 -29.49 -35.22
C VAL B 116 -20.08 -30.46 -36.00
N ASN B 117 -20.58 -30.98 -37.12
CA ASN B 117 -19.79 -31.87 -37.96
C ASN B 117 -18.67 -31.15 -38.68
N HIS B 118 -18.99 -30.01 -39.28
CA HIS B 118 -17.95 -29.23 -39.93
C HIS B 118 -16.83 -28.89 -38.94
N ILE B 119 -17.23 -28.43 -37.76
CA ILE B 119 -16.31 -27.99 -36.73
C ILE B 119 -15.34 -29.12 -36.36
N ARG B 120 -15.90 -30.32 -36.15
CA ARG B 120 -15.09 -31.50 -35.87
C ARG B 120 -14.04 -31.70 -36.96
N SER B 121 -14.46 -31.58 -38.22
CA SER B 121 -13.56 -31.86 -39.31
C SER B 121 -12.47 -30.79 -39.39
N VAL B 122 -12.84 -29.55 -39.05
CA VAL B 122 -11.90 -28.42 -39.07
C VAL B 122 -10.86 -28.64 -38.00
N TRP B 123 -11.31 -29.14 -36.84
CA TRP B 123 -10.44 -29.52 -35.74
C TRP B 123 -9.51 -30.69 -36.06
N GLU B 124 -10.02 -31.70 -36.76
CA GLU B 124 -9.15 -32.82 -37.10
C GLU B 124 -8.11 -32.35 -38.12
N ASP B 125 -8.50 -31.41 -38.96
CA ASP B 125 -7.56 -30.87 -39.93
C ASP B 125 -6.46 -30.11 -39.21
N LEU B 126 -6.79 -29.45 -38.09
CA LEU B 126 -5.79 -28.75 -37.31
C LEU B 126 -4.78 -29.71 -36.71
N LEU B 127 -5.26 -30.87 -36.29
CA LEU B 127 -4.37 -31.89 -35.73
C LEU B 127 -3.51 -32.62 -36.78
N GLU B 128 -4.02 -32.78 -38.01
CA GLU B 128 -3.33 -33.55 -39.04
C GLU B 128 -2.37 -32.72 -39.90
N ASP B 129 -2.81 -31.51 -40.27
CA ASP B 129 -2.06 -30.60 -41.16
C ASP B 129 -1.36 -29.46 -40.41
N THR B 130 -0.04 -29.38 -40.50
CA THR B 130 0.71 -28.38 -39.75
C THR B 130 1.30 -27.26 -40.59
N GLU B 131 1.12 -27.31 -41.91
CA GLU B 131 1.73 -26.31 -42.79
C GLU B 131 0.75 -25.43 -43.59
N THR B 132 -0.38 -26.00 -44.05
CA THR B 132 -1.24 -25.33 -45.05
C THR B 132 -1.93 -24.04 -44.60
N PRO B 133 -1.48 -22.88 -45.13
CA PRO B 133 -2.09 -21.61 -44.74
C PRO B 133 -3.60 -21.61 -44.81
N ILE B 134 -4.19 -21.14 -43.73
CA ILE B 134 -5.64 -21.05 -43.62
C ILE B 134 -6.15 -19.79 -44.31
N ASP B 135 -7.28 -19.93 -44.99
CA ASP B 135 -7.91 -18.79 -45.63
C ASP B 135 -8.44 -17.78 -44.60
N THR B 136 -8.24 -16.50 -44.90
CA THR B 136 -8.92 -15.42 -44.18
C THR B 136 -9.62 -14.44 -45.14
N THR B 137 -10.68 -13.80 -44.64
CA THR B 137 -11.38 -12.78 -45.38
C THR B 137 -10.89 -11.43 -44.91
N ILE B 138 -10.84 -10.46 -45.82
CA ILE B 138 -10.50 -9.09 -45.45
C ILE B 138 -11.64 -8.12 -45.84
N MET B 139 -12.07 -7.34 -44.87
CA MET B 139 -13.21 -6.46 -45.01
C MET B 139 -12.85 -5.07 -44.53
N ALA B 140 -13.53 -4.06 -45.05
CA ALA B 140 -13.42 -2.74 -44.48
C ALA B 140 -14.43 -2.64 -43.34
N LYS B 141 -13.96 -2.19 -42.18
CA LYS B 141 -14.87 -2.03 -41.06
C LYS B 141 -15.61 -0.71 -41.21
N SER B 142 -16.91 -0.74 -40.94
CA SER B 142 -17.73 0.47 -40.89
C SER B 142 -17.75 1.08 -39.48
N GLU B 143 -17.14 2.24 -39.31
CA GLU B 143 -17.13 2.93 -38.02
C GLU B 143 -17.44 4.41 -38.23
N VAL B 144 -18.02 5.06 -37.24
CA VAL B 144 -18.38 6.46 -37.47
C VAL B 144 -17.59 7.42 -36.58
N PHE B 145 -17.41 8.64 -37.06
CA PHE B 145 -16.65 9.69 -36.41
C PHE B 145 -17.22 11.05 -36.74
N CYS B 146 -16.55 12.07 -36.20
CA CYS B 146 -16.84 13.44 -36.54
C CYS B 146 -15.71 13.94 -37.42
N VAL B 147 -16.02 14.78 -38.40
CA VAL B 147 -14.97 15.33 -39.25
C VAL B 147 -14.00 16.17 -38.44
N GLN B 148 -12.71 16.06 -38.76
CA GLN B 148 -11.65 16.69 -38.01
C GLN B 148 -11.48 18.16 -38.42
N PRO B 149 -11.12 19.04 -37.45
CA PRO B 149 -10.87 20.49 -37.64
C PRO B 149 -10.21 20.94 -38.97
N GLU B 150 -10.01 20.03 -39.93
CA GLU B 150 -9.52 20.41 -41.25
C GLU B 150 -10.59 20.21 -42.33
N LYS B 151 -11.85 20.51 -42.00
CA LYS B 151 -12.99 20.42 -42.93
C LYS B 151 -13.30 19.00 -43.43
N GLY B 152 -12.26 18.21 -43.70
CA GLY B 152 -12.41 16.81 -44.02
C GLY B 152 -11.49 15.96 -43.16
N GLY B 153 -10.24 15.81 -43.62
CA GLY B 153 -9.25 15.00 -42.94
C GLY B 153 -9.79 13.65 -42.50
N ARG B 154 -10.75 13.13 -43.26
CA ARG B 154 -11.45 11.89 -42.93
C ARG B 154 -10.51 10.72 -42.68
N LYS B 155 -10.81 9.94 -41.65
CA LYS B 155 -10.10 8.70 -41.46
C LYS B 155 -10.59 7.72 -42.52
N PRO B 156 -9.68 6.88 -43.03
CA PRO B 156 -10.06 5.82 -43.95
C PRO B 156 -10.44 4.58 -43.15
N ALA B 157 -11.33 3.75 -43.67
CA ALA B 157 -11.77 2.55 -42.97
C ALA B 157 -10.63 1.68 -42.41
N ARG B 158 -10.88 1.08 -41.24
CA ARG B 158 -9.99 0.06 -40.72
C ARG B 158 -10.26 -1.26 -41.45
N LEU B 159 -9.33 -2.21 -41.33
CA LEU B 159 -9.50 -3.48 -42.00
C LEU B 159 -9.52 -4.60 -41.00
N ILE B 160 -10.58 -5.38 -41.04
CA ILE B 160 -10.64 -6.57 -40.21
C ILE B 160 -10.23 -7.76 -41.08
N VAL B 161 -9.49 -8.69 -40.50
CA VAL B 161 -9.08 -9.93 -41.17
C VAL B 161 -9.45 -11.11 -40.28
N PHE B 162 -10.34 -11.98 -40.74
CA PHE B 162 -10.77 -13.08 -39.88
C PHE B 162 -10.88 -14.41 -40.63
N PRO B 163 -10.68 -15.54 -39.91
CA PRO B 163 -10.85 -16.88 -40.47
C PRO B 163 -12.33 -17.31 -40.51
N ASP B 164 -12.66 -18.45 -41.11
CA ASP B 164 -14.04 -18.91 -41.18
C ASP B 164 -14.55 -19.31 -39.79
N LEU B 165 -15.85 -19.18 -39.59
CA LEU B 165 -16.47 -19.47 -38.30
C LEU B 165 -16.04 -20.83 -37.72
N GLY B 166 -15.94 -21.85 -38.57
CA GLY B 166 -15.45 -23.16 -38.18
C GLY B 166 -14.13 -23.07 -37.44
N VAL B 167 -13.14 -22.47 -38.09
CA VAL B 167 -11.87 -22.15 -37.46
C VAL B 167 -12.02 -21.36 -36.13
N ARG B 168 -12.80 -20.28 -36.13
CA ARG B 168 -12.95 -19.50 -34.92
C ARG B 168 -13.50 -20.33 -33.75
N VAL B 169 -14.32 -21.33 -34.04
CA VAL B 169 -14.81 -22.15 -32.96
C VAL B 169 -13.71 -23.10 -32.45
N CYS B 170 -12.83 -23.52 -33.36
CA CYS B 170 -11.74 -24.39 -32.98
C CYS B 170 -10.76 -23.64 -32.12
N GLU B 171 -10.47 -22.41 -32.54
CA GLU B 171 -9.67 -21.47 -31.79
C GLU B 171 -10.08 -21.44 -30.32
N LYS B 172 -11.38 -21.34 -30.05
CA LYS B 172 -11.84 -21.21 -28.67
C LYS B 172 -11.50 -22.49 -27.93
N MET B 173 -11.78 -23.65 -28.55
CA MET B 173 -11.45 -24.95 -27.96
C MET B 173 -9.98 -25.00 -27.49
N ALA B 174 -9.09 -24.64 -28.40
CA ALA B 174 -7.66 -24.63 -28.11
C ALA B 174 -7.26 -23.52 -27.13
N LEU B 175 -7.79 -22.33 -27.31
CA LEU B 175 -7.13 -21.19 -26.71
C LEU B 175 -7.97 -20.30 -25.80
N TYR B 176 -9.25 -20.62 -25.57
CA TYR B 176 -10.06 -19.75 -24.73
C TYR B 176 -9.50 -19.64 -23.31
N ASP B 177 -9.42 -20.78 -22.62
CA ASP B 177 -8.86 -20.82 -21.28
C ASP B 177 -7.49 -20.17 -21.19
N VAL B 178 -6.56 -20.54 -22.08
CA VAL B 178 -5.25 -19.89 -22.15
C VAL B 178 -5.36 -18.37 -22.19
N VAL B 179 -6.01 -17.88 -23.22
CA VAL B 179 -6.05 -16.47 -23.57
C VAL B 179 -6.74 -15.62 -22.49
N SER B 180 -7.52 -16.27 -21.65
CA SER B 180 -8.20 -15.56 -20.59
C SER B 180 -7.66 -15.89 -19.18
N THR B 181 -6.54 -16.58 -19.11
CA THR B 181 -5.90 -16.96 -17.84
C THR B 181 -4.43 -16.53 -17.80
N LEU B 182 -3.74 -16.78 -18.91
CA LEU B 182 -2.29 -16.58 -19.00
C LEU B 182 -1.82 -15.12 -18.94
N PRO B 183 -2.48 -14.18 -19.65
CA PRO B 183 -2.05 -12.78 -19.54
C PRO B 183 -1.82 -12.31 -18.11
N GLN B 184 -2.80 -12.50 -17.24
CA GLN B 184 -2.66 -12.06 -15.88
C GLN B 184 -1.55 -12.81 -15.14
N ALA B 185 -1.45 -14.12 -15.37
CA ALA B 185 -0.42 -14.92 -14.71
C ALA B 185 0.98 -14.43 -15.08
N VAL B 186 1.10 -13.88 -16.27
CA VAL B 186 2.39 -13.47 -16.79
C VAL B 186 2.69 -11.99 -16.48
N MET B 187 1.72 -11.12 -16.68
CA MET B 187 1.96 -9.67 -16.56
C MET B 187 1.48 -9.10 -15.23
N GLY B 188 0.77 -9.92 -14.45
CA GLY B 188 0.33 -9.54 -13.13
C GLY B 188 -0.48 -8.25 -13.07
N SER B 189 -0.13 -7.39 -12.11
CA SER B 189 -0.83 -6.12 -11.94
C SER B 189 -0.83 -5.26 -13.22
N SER B 190 0.04 -5.58 -14.18
CA SER B 190 0.16 -4.79 -15.41
C SER B 190 -0.92 -5.06 -16.47
N TYR B 191 -1.68 -6.13 -16.31
CA TYR B 191 -2.58 -6.54 -17.37
C TYR B 191 -3.86 -5.75 -17.26
N GLY B 192 -4.08 -4.83 -18.20
CA GLY B 192 -5.15 -3.85 -18.11
C GLY B 192 -6.54 -4.43 -18.00
N PHE B 193 -6.82 -5.46 -18.76
CA PHE B 193 -8.17 -5.99 -18.86
C PHE B 193 -8.63 -6.83 -17.67
N GLN B 194 -7.88 -6.85 -16.59
CA GLN B 194 -8.36 -7.50 -15.37
C GLN B 194 -9.21 -6.49 -14.56
N TYR B 195 -8.99 -5.22 -14.84
CA TYR B 195 -9.65 -4.13 -14.10
C TYR B 195 -11.01 -3.67 -14.64
N SER B 196 -11.96 -3.50 -13.73
CA SER B 196 -13.10 -2.63 -13.99
C SER B 196 -12.58 -1.19 -14.07
N PRO B 197 -13.33 -0.29 -14.74
CA PRO B 197 -12.93 1.12 -14.84
C PRO B 197 -12.57 1.72 -13.47
N LYS B 198 -13.28 1.26 -12.44
CA LYS B 198 -12.97 1.62 -11.06
C LYS B 198 -11.56 1.18 -10.66
N GLN B 199 -11.25 -0.10 -10.84
CA GLN B 199 -9.96 -0.61 -10.37
C GLN B 199 -8.81 -0.03 -11.19
N ARG B 200 -9.05 0.23 -12.46
CA ARG B 200 -8.01 0.80 -13.32
C ARG B 200 -7.58 2.16 -12.81
N VAL B 201 -8.57 3.00 -12.52
CA VAL B 201 -8.35 4.33 -11.98
C VAL B 201 -7.64 4.25 -10.65
N GLU B 202 -8.06 3.31 -9.81
CA GLU B 202 -7.42 3.15 -8.51
C GLU B 202 -5.94 2.72 -8.66
N PHE B 203 -5.70 1.72 -9.51
CA PHE B 203 -4.35 1.30 -9.83
C PHE B 203 -3.49 2.48 -10.28
N LEU B 204 -4.02 3.30 -11.17
CA LEU B 204 -3.25 4.43 -11.66
C LEU B 204 -2.94 5.41 -10.53
N VAL B 205 -3.95 5.74 -9.73
CA VAL B 205 -3.78 6.73 -8.69
C VAL B 205 -2.83 6.24 -7.61
N ASN B 206 -3.02 4.98 -7.18
CA ASN B 206 -2.10 4.37 -6.22
C ASN B 206 -0.69 4.32 -6.75
N THR B 207 -0.55 3.88 -8.00
CA THR B 207 0.76 3.83 -8.66
C THR B 207 1.43 5.19 -8.70
N TRP B 208 0.67 6.21 -9.11
CA TRP B 208 1.20 7.56 -9.20
C TRP B 208 1.67 8.11 -7.85
N LYS B 209 0.89 7.86 -6.81
CA LYS B 209 1.17 8.41 -5.50
C LYS B 209 2.25 7.63 -4.73
N SER B 210 2.59 6.42 -5.20
CA SER B 210 3.61 5.61 -4.52
C SER B 210 5.02 6.00 -4.95
N LYS B 211 5.10 6.78 -6.01
CA LYS B 211 6.36 7.35 -6.44
C LYS B 211 6.71 8.56 -5.59
N LYS B 212 8.00 8.74 -5.28
CA LYS B 212 8.43 9.91 -4.54
C LYS B 212 8.26 11.17 -5.38
N CYS B 213 8.76 11.15 -6.60
CA CYS B 213 8.47 12.23 -7.55
C CYS B 213 8.07 11.66 -8.91
N PRO B 214 6.76 11.42 -9.13
CA PRO B 214 6.34 10.59 -10.26
C PRO B 214 6.49 11.27 -11.62
N MET B 215 6.91 10.50 -12.62
CA MET B 215 6.83 10.92 -14.00
C MET B 215 6.02 9.87 -14.76
N GLY B 216 5.25 10.28 -15.76
CA GLY B 216 4.46 9.32 -16.50
C GLY B 216 4.29 9.66 -17.96
N PHE B 217 4.15 8.64 -18.80
CA PHE B 217 3.84 8.87 -20.20
C PHE B 217 2.91 7.82 -20.76
N SER B 218 2.23 8.16 -21.84
CA SER B 218 1.48 7.17 -22.58
C SER B 218 2.27 6.84 -23.83
N TYR B 219 2.12 5.61 -24.32
CA TYR B 219 2.81 5.21 -25.55
C TYR B 219 1.87 4.44 -26.46
N ASP B 220 1.87 4.78 -27.73
CA ASP B 220 1.06 4.04 -28.70
C ASP B 220 1.82 3.85 -30.00
N THR B 221 1.87 2.61 -30.49
CA THR B 221 2.61 2.36 -31.73
C THR B 221 1.61 2.43 -32.89
N ARG B 222 2.02 3.00 -34.03
CA ARG B 222 1.10 3.15 -35.14
C ARG B 222 0.99 1.86 -35.94
N CYS B 223 -0.26 1.46 -36.19
CA CYS B 223 -0.58 0.20 -36.86
C CYS B 223 0.11 -0.99 -36.17
N PHE B 224 -0.12 -1.12 -34.86
CA PHE B 224 0.51 -2.18 -34.08
C PHE B 224 0.44 -3.55 -34.78
N ASP B 225 -0.75 -3.93 -35.24
CA ASP B 225 -0.94 -5.25 -35.83
C ASP B 225 0.09 -5.48 -36.93
N SER B 226 0.25 -4.48 -37.78
CA SER B 226 1.17 -4.58 -38.91
C SER B 226 2.64 -4.60 -38.47
N THR B 227 2.91 -4.18 -37.25
CA THR B 227 4.29 -4.15 -36.76
C THR B 227 4.66 -5.43 -36.09
N VAL B 228 3.66 -6.27 -35.80
CA VAL B 228 3.88 -7.57 -35.18
C VAL B 228 4.53 -8.51 -36.19
N THR B 229 5.76 -8.96 -35.93
CA THR B 229 6.49 -9.74 -36.93
C THR B 229 6.20 -11.22 -36.82
N GLU B 230 6.73 -12.00 -37.77
CA GLU B 230 6.60 -13.45 -37.71
C GLU B 230 7.33 -13.99 -36.46
N SER B 231 8.44 -13.36 -36.10
CA SER B 231 9.11 -13.72 -34.87
C SER B 231 8.24 -13.43 -33.65
N ASP B 232 7.51 -12.31 -33.63
CA ASP B 232 6.73 -11.95 -32.45
C ASP B 232 5.66 -13.01 -32.16
N ILE B 233 5.02 -13.45 -33.22
CA ILE B 233 3.90 -14.39 -33.11
C ILE B 233 4.41 -15.78 -32.71
N ARG B 234 5.57 -16.18 -33.24
CA ARG B 234 6.24 -17.39 -32.78
C ARG B 234 6.70 -17.31 -31.34
N VAL B 235 7.25 -16.15 -30.94
CA VAL B 235 7.70 -15.92 -29.56
C VAL B 235 6.50 -15.93 -28.63
N GLU B 236 5.44 -15.46 -29.06
CA GLU B 236 4.18 -15.46 -28.33
C GLU B 236 3.71 -16.90 -28.12
N GLU B 237 3.74 -17.64 -29.23
CA GLU B 237 3.38 -19.04 -29.14
C GLU B 237 4.25 -19.77 -28.12
N SER B 238 5.52 -19.39 -28.01
CA SER B 238 6.43 -20.06 -27.09
C SER B 238 6.01 -19.80 -25.65
N ILE B 239 5.35 -18.68 -25.45
CA ILE B 239 4.80 -18.40 -24.14
C ILE B 239 3.59 -19.30 -23.90
N TYR B 240 2.73 -19.47 -24.90
CA TYR B 240 1.55 -20.33 -24.72
C TYR B 240 1.98 -21.77 -24.43
N GLN B 241 3.01 -22.24 -25.12
CA GLN B 241 3.50 -23.61 -24.97
C GLN B 241 4.05 -23.95 -23.57
N CYS B 242 4.25 -22.95 -22.71
CA CYS B 242 4.74 -23.26 -21.37
C CYS B 242 3.60 -23.77 -20.52
N CYS B 243 2.36 -23.53 -20.96
CA CYS B 243 1.21 -24.04 -20.23
C CYS B 243 1.21 -25.56 -20.19
N ASP B 244 0.59 -26.12 -19.17
CA ASP B 244 0.21 -27.51 -19.25
C ASP B 244 -1.00 -27.57 -20.18
N LEU B 245 -0.90 -28.43 -21.19
CA LEU B 245 -1.88 -28.48 -22.25
C LEU B 245 -2.23 -29.90 -22.66
N ALA B 246 -3.51 -30.12 -22.95
CA ALA B 246 -3.93 -31.34 -23.63
C ALA B 246 -3.14 -31.48 -24.94
N PRO B 247 -2.73 -32.73 -25.28
CA PRO B 247 -2.00 -33.00 -26.53
C PRO B 247 -2.67 -32.39 -27.78
N GLU B 248 -3.97 -32.61 -27.95
CA GLU B 248 -4.65 -32.05 -29.09
C GLU B 248 -4.58 -30.53 -29.04
N ALA B 249 -4.56 -29.98 -27.82
CA ALA B 249 -4.48 -28.53 -27.66
C ALA B 249 -3.09 -28.05 -28.03
N ARG B 250 -2.08 -28.85 -27.69
CA ARG B 250 -0.74 -28.41 -27.98
C ARG B 250 -0.55 -28.37 -29.49
N GLN B 251 -1.14 -29.35 -30.17
CA GLN B 251 -1.05 -29.44 -31.61
C GLN B 251 -1.85 -28.31 -32.25
N ALA B 252 -3.04 -28.07 -31.72
CA ALA B 252 -3.92 -27.05 -32.27
C ALA B 252 -3.27 -25.67 -32.22
N ILE B 253 -2.61 -25.37 -31.11
CA ILE B 253 -1.89 -24.11 -30.98
C ILE B 253 -0.72 -24.06 -31.95
N ARG B 254 -0.08 -25.20 -32.13
CA ARG B 254 1.05 -25.32 -33.03
C ARG B 254 0.62 -25.08 -34.48
N SER B 255 -0.42 -25.77 -34.91
CA SER B 255 -0.85 -25.63 -36.28
C SER B 255 -1.45 -24.25 -36.51
N LEU B 256 -2.36 -23.83 -35.65
CA LEU B 256 -2.95 -22.51 -35.80
C LEU B 256 -1.87 -21.44 -35.94
N THR B 257 -0.79 -21.60 -35.20
CA THR B 257 0.24 -20.58 -35.19
C THR B 257 0.93 -20.47 -36.54
N GLU B 258 1.18 -21.60 -37.19
CA GLU B 258 1.85 -21.64 -38.49
C GLU B 258 0.90 -21.37 -39.65
N ARG B 259 -0.37 -21.64 -39.43
CA ARG B 259 -1.34 -21.64 -40.51
C ARG B 259 -2.19 -20.39 -40.52
N LEU B 260 -2.27 -19.70 -39.39
CA LEU B 260 -3.17 -18.57 -39.26
C LEU B 260 -2.49 -17.34 -38.65
N TYR B 261 -2.02 -17.49 -37.41
CA TYR B 261 -1.53 -16.36 -36.65
C TYR B 261 -0.30 -15.71 -37.28
N ILE B 262 0.58 -16.52 -37.86
CA ILE B 262 1.83 -15.99 -38.36
C ILE B 262 1.63 -15.27 -39.69
N GLY B 263 0.52 -15.57 -40.33
CA GLY B 263 0.12 -14.94 -41.57
C GLY B 263 -0.69 -15.87 -42.45
N GLY B 264 -1.07 -15.40 -43.62
CA GLY B 264 -1.81 -16.22 -44.56
C GLY B 264 -2.31 -15.41 -45.73
N PRO B 265 -3.04 -16.06 -46.66
CA PRO B 265 -3.65 -15.37 -47.80
C PRO B 265 -4.91 -14.57 -47.44
N LEU B 266 -5.15 -13.49 -48.18
CA LEU B 266 -6.28 -12.59 -47.94
C LEU B 266 -7.29 -12.73 -49.04
N THR B 267 -8.54 -13.02 -48.70
CA THR B 267 -9.56 -13.20 -49.73
C THR B 267 -10.78 -12.27 -49.53
N ASN B 268 -11.09 -11.48 -50.57
CA ASN B 268 -12.16 -10.50 -50.43
C ASN B 268 -13.55 -11.14 -50.47
N SER B 269 -14.58 -10.32 -50.30
CA SER B 269 -15.93 -10.84 -50.11
C SER B 269 -16.41 -11.58 -51.34
N LYS B 270 -15.88 -11.20 -52.50
CA LYS B 270 -16.33 -11.77 -53.75
C LYS B 270 -15.63 -13.10 -54.02
N GLY B 271 -14.58 -13.37 -53.25
CA GLY B 271 -13.85 -14.62 -53.33
C GLY B 271 -12.52 -14.52 -54.04
N GLN B 272 -12.16 -13.32 -54.51
CA GLN B 272 -10.90 -13.12 -55.24
C GLN B 272 -9.70 -13.12 -54.30
N ASN B 273 -8.60 -13.73 -54.73
CA ASN B 273 -7.33 -13.64 -54.00
C ASN B 273 -6.84 -12.20 -53.94
N CYS B 274 -6.75 -11.68 -52.73
CA CYS B 274 -6.58 -10.25 -52.53
C CYS B 274 -5.16 -9.88 -52.13
N GLY B 275 -4.45 -10.82 -51.53
CA GLY B 275 -3.10 -10.51 -51.07
C GLY B 275 -2.65 -11.54 -50.07
N TYR B 276 -1.60 -11.20 -49.32
CA TYR B 276 -1.03 -12.09 -48.32
C TYR B 276 -0.56 -11.28 -47.12
N ARG B 277 -0.78 -11.84 -45.92
CA ARG B 277 -0.50 -11.19 -44.64
C ARG B 277 0.67 -11.86 -43.90
N ARG B 278 1.61 -11.07 -43.40
CA ARG B 278 2.71 -11.62 -42.62
C ARG B 278 2.81 -10.90 -41.30
N CYS B 279 1.66 -10.46 -40.79
CA CYS B 279 1.60 -9.75 -39.54
C CYS B 279 0.37 -10.23 -38.78
N ARG B 280 -0.02 -9.50 -37.75
CA ARG B 280 -1.14 -9.93 -36.93
C ARG B 280 -2.47 -9.76 -37.64
N ALA B 281 -3.23 -10.85 -37.68
CA ALA B 281 -4.64 -10.82 -38.01
C ALA B 281 -5.41 -10.06 -36.95
N SER B 282 -6.20 -9.10 -37.39
CA SER B 282 -6.99 -8.31 -36.46
C SER B 282 -8.12 -9.13 -35.83
N GLY B 283 -8.55 -10.21 -36.48
CA GLY B 283 -9.76 -10.89 -36.08
C GLY B 283 -9.70 -12.33 -35.60
N VAL B 284 -8.54 -12.73 -35.10
CA VAL B 284 -8.43 -14.05 -34.49
C VAL B 284 -8.52 -14.00 -32.93
N LEU B 285 -8.74 -15.14 -32.30
CA LEU B 285 -8.91 -15.17 -30.84
C LEU B 285 -7.67 -14.71 -30.07
N THR B 286 -6.49 -14.76 -30.70
CA THR B 286 -5.23 -14.45 -30.02
C THR B 286 -4.83 -12.99 -30.11
N THR B 287 -5.60 -12.20 -30.82
CA THR B 287 -5.15 -10.84 -31.12
C THR B 287 -4.91 -9.96 -29.90
N SER B 288 -5.88 -9.91 -29.02
CA SER B 288 -5.79 -9.09 -27.83
C SER B 288 -4.68 -9.59 -26.90
N CYS B 289 -4.75 -10.88 -26.59
CA CYS B 289 -3.77 -11.51 -25.72
C CYS B 289 -2.36 -11.39 -26.28
N GLY B 290 -2.19 -11.76 -27.54
CA GLY B 290 -0.94 -11.61 -28.25
C GLY B 290 -0.37 -10.20 -28.28
N ASN B 291 -1.21 -9.23 -28.58
CA ASN B 291 -0.76 -7.85 -28.63
C ASN B 291 -0.38 -7.31 -27.25
N THR B 292 -1.20 -7.63 -26.24
CA THR B 292 -0.91 -7.23 -24.87
C THR B 292 0.40 -7.87 -24.37
N LEU B 293 0.64 -9.12 -24.74
CA LEU B 293 1.89 -9.78 -24.35
C LEU B 293 3.10 -9.22 -25.10
N THR B 294 2.95 -8.94 -26.38
CA THR B 294 4.07 -8.43 -27.15
C THR B 294 4.41 -7.01 -26.76
N CYS B 295 3.38 -6.20 -26.57
CA CYS B 295 3.60 -4.83 -26.16
C CYS B 295 4.31 -4.80 -24.83
N TYR B 296 3.80 -5.56 -23.87
CA TYR B 296 4.41 -5.68 -22.54
C TYR B 296 5.85 -6.13 -22.60
N LEU B 297 6.13 -7.07 -23.50
CA LEU B 297 7.46 -7.62 -23.66
C LEU B 297 8.42 -6.53 -24.16
N LYS B 298 8.11 -5.94 -25.30
CA LYS B 298 8.97 -4.90 -25.87
C LYS B 298 9.12 -3.73 -24.91
N ALA B 299 8.06 -3.38 -24.21
CA ALA B 299 8.09 -2.17 -23.39
C ALA B 299 8.93 -2.42 -22.16
N THR B 300 8.76 -3.59 -21.55
CA THR B 300 9.52 -3.93 -20.36
C THR B 300 11.00 -3.95 -20.70
N ALA B 301 11.33 -4.63 -21.79
CA ALA B 301 12.70 -4.63 -22.29
C ALA B 301 13.19 -3.20 -22.54
N ALA B 302 12.39 -2.39 -23.23
CA ALA B 302 12.81 -1.02 -23.57
C ALA B 302 13.02 -0.13 -22.34
N CYS B 303 12.22 -0.35 -21.29
CA CYS B 303 12.40 0.38 -20.04
C CYS B 303 13.79 0.17 -19.48
N ARG B 304 14.28 -1.07 -19.56
CA ARG B 304 15.61 -1.38 -19.07
C ARG B 304 16.66 -0.71 -19.93
N ALA B 305 16.47 -0.74 -21.24
CA ALA B 305 17.40 -0.05 -22.13
C ALA B 305 17.40 1.45 -21.84
N ALA B 306 16.23 2.01 -21.52
CA ALA B 306 16.09 3.47 -21.40
C ALA B 306 16.63 3.94 -20.08
N LYS B 307 16.74 2.98 -19.17
CA LYS B 307 17.16 3.22 -17.80
C LYS B 307 16.20 4.17 -17.09
N LEU B 308 14.92 3.83 -17.20
CA LEU B 308 13.87 4.48 -16.43
C LEU B 308 13.83 3.84 -15.05
N GLN B 309 13.72 4.67 -14.01
CA GLN B 309 13.71 4.20 -12.64
C GLN B 309 12.33 3.73 -12.23
N ASP B 310 12.25 2.48 -11.80
CA ASP B 310 11.07 2.00 -11.08
C ASP B 310 9.79 2.10 -11.91
N CYS B 311 9.75 1.37 -13.02
CA CYS B 311 8.62 1.42 -13.91
C CYS B 311 7.46 0.51 -13.48
N THR B 312 6.34 1.12 -13.16
CA THR B 312 5.08 0.40 -13.13
C THR B 312 4.38 0.68 -14.45
N MET B 313 3.86 -0.35 -15.10
CA MET B 313 3.18 -0.08 -16.33
C MET B 313 1.91 -0.87 -16.43
N LEU B 314 1.00 -0.36 -17.25
CA LEU B 314 -0.32 -0.90 -17.40
C LEU B 314 -0.56 -1.08 -18.89
N VAL B 315 -0.80 -2.31 -19.31
CA VAL B 315 -0.85 -2.57 -20.73
C VAL B 315 -2.24 -3.05 -21.14
N ASN B 316 -2.75 -2.49 -22.23
CA ASN B 316 -4.01 -2.91 -22.82
C ASN B 316 -3.83 -3.10 -24.30
N GLY B 317 -3.64 -4.34 -24.73
CA GLY B 317 -3.31 -4.55 -26.12
C GLY B 317 -2.05 -3.77 -26.43
N ASP B 318 -2.19 -2.75 -27.23
CA ASP B 318 -1.04 -1.97 -27.69
C ASP B 318 -1.00 -0.63 -26.97
N ASP B 319 -2.05 -0.35 -26.21
CA ASP B 319 -2.07 0.85 -25.39
C ASP B 319 -1.33 0.66 -24.09
N LEU B 320 -0.44 1.60 -23.85
CA LEU B 320 0.59 1.47 -22.85
C LEU B 320 0.69 2.77 -22.10
N VAL B 321 0.57 2.70 -20.78
CA VAL B 321 0.86 3.85 -19.95
C VAL B 321 1.97 3.40 -18.99
N VAL B 322 2.90 4.31 -18.73
CA VAL B 322 4.06 3.99 -17.91
C VAL B 322 4.20 5.08 -16.86
N ILE B 323 4.29 4.67 -15.60
CA ILE B 323 4.52 5.59 -14.51
C ILE B 323 5.78 5.17 -13.77
N CYS B 324 6.63 6.12 -13.42
CA CYS B 324 7.92 5.76 -12.88
C CYS B 324 8.48 6.83 -11.96
N GLU B 325 9.71 6.62 -11.49
CA GLU B 325 10.41 7.58 -10.63
C GLU B 325 11.19 8.61 -11.42
N SER B 326 10.76 9.87 -11.40
CA SER B 326 11.39 10.93 -12.19
C SER B 326 12.82 11.21 -11.78
N ALA B 327 13.63 11.56 -12.77
CA ALA B 327 15.03 11.84 -12.51
C ALA B 327 15.33 13.30 -12.80
N GLY B 328 14.29 14.08 -13.08
CA GLY B 328 14.46 15.49 -13.43
C GLY B 328 14.09 15.77 -14.87
N THR B 329 13.63 16.98 -15.14
CA THR B 329 13.06 17.32 -16.44
C THR B 329 13.91 16.90 -17.63
N GLN B 330 15.21 17.15 -17.54
CA GLN B 330 16.11 16.99 -18.68
C GLN B 330 16.42 15.53 -18.94
N GLU B 331 16.68 14.78 -17.88
CA GLU B 331 17.07 13.39 -18.06
C GLU B 331 15.85 12.48 -18.25
N ASP B 332 14.68 12.94 -17.81
CA ASP B 332 13.42 12.25 -18.10
C ASP B 332 13.16 12.25 -19.59
N ALA B 333 13.36 13.41 -20.21
CA ALA B 333 13.14 13.57 -21.63
C ALA B 333 14.15 12.75 -22.40
N ALA B 334 15.39 12.69 -21.91
CA ALA B 334 16.41 11.85 -22.55
C ALA B 334 16.08 10.36 -22.44
N ALA B 335 15.72 9.93 -21.22
CA ALA B 335 15.34 8.54 -20.97
C ALA B 335 14.22 8.09 -21.90
N LEU B 336 13.25 8.97 -22.14
CA LEU B 336 12.05 8.62 -22.90
C LEU B 336 12.35 8.44 -24.39
N ARG B 337 13.14 9.35 -24.96
CA ARG B 337 13.59 9.18 -26.33
C ARG B 337 14.42 7.92 -26.49
N ALA B 338 15.08 7.49 -25.43
CA ALA B 338 15.86 6.26 -25.46
C ALA B 338 14.94 5.05 -25.48
N PHE B 339 13.88 5.11 -24.68
CA PHE B 339 12.82 4.11 -24.68
C PHE B 339 12.18 3.97 -26.08
N THR B 340 11.87 5.09 -26.72
CA THR B 340 11.29 5.07 -28.04
C THR B 340 12.22 4.40 -29.09
N GLU B 341 13.52 4.68 -29.00
CA GLU B 341 14.48 4.04 -29.90
C GLU B 341 14.54 2.55 -29.62
N ALA B 342 14.54 2.18 -28.34
CA ALA B 342 14.54 0.79 -27.98
C ALA B 342 13.31 0.11 -28.57
N MET B 343 12.15 0.74 -28.44
CA MET B 343 10.90 0.17 -28.94
C MET B 343 10.94 0.06 -30.46
N THR B 344 11.52 1.07 -31.09
CA THR B 344 11.63 1.14 -32.52
C THR B 344 12.47 -0.01 -33.10
N ARG B 345 13.56 -0.37 -32.42
CA ARG B 345 14.41 -1.46 -32.85
C ARG B 345 13.66 -2.76 -32.71
N TYR B 346 12.85 -2.85 -31.66
CA TYR B 346 12.00 -4.00 -31.46
C TYR B 346 10.84 -4.08 -32.46
N SER B 347 10.78 -3.08 -33.35
CA SER B 347 9.75 -3.00 -34.38
C SER B 347 8.40 -2.54 -33.83
N ALA B 348 8.43 -1.45 -33.06
CA ALA B 348 7.19 -0.90 -32.54
C ALA B 348 7.38 0.59 -32.34
N PRO B 349 7.47 1.33 -33.43
CA PRO B 349 7.73 2.77 -33.36
C PRO B 349 6.46 3.50 -32.98
N PRO B 350 6.58 4.68 -32.37
CA PRO B 350 5.41 5.44 -31.91
C PRO B 350 4.79 6.22 -33.05
N GLY B 351 3.47 6.41 -33.00
CA GLY B 351 2.81 7.28 -33.96
C GLY B 351 3.29 8.70 -33.70
N ASP B 352 2.99 9.20 -32.52
CA ASP B 352 3.54 10.47 -32.07
C ASP B 352 4.50 10.23 -30.91
N PRO B 353 5.63 10.95 -30.90
CA PRO B 353 6.62 10.81 -29.83
C PRO B 353 5.97 10.98 -28.46
N PRO B 354 6.24 10.05 -27.54
CA PRO B 354 5.65 10.18 -26.22
C PRO B 354 6.18 11.43 -25.52
N GLN B 355 5.34 12.01 -24.69
CA GLN B 355 5.65 13.24 -23.97
C GLN B 355 5.62 12.94 -22.48
N PRO B 356 6.72 13.24 -21.78
CA PRO B 356 6.74 13.04 -20.32
C PRO B 356 5.71 13.94 -19.65
N GLU B 357 4.92 13.36 -18.74
CA GLU B 357 3.88 14.09 -18.02
C GLU B 357 4.03 13.99 -16.50
N TYR B 358 3.88 15.11 -15.83
CA TYR B 358 4.09 15.19 -14.39
C TYR B 358 2.77 15.43 -13.68
N ASP B 359 1.69 15.20 -14.41
CA ASP B 359 0.35 15.33 -13.87
C ASP B 359 -0.47 14.17 -14.36
N LEU B 360 -0.99 13.37 -13.44
CA LEU B 360 -1.77 12.20 -13.81
C LEU B 360 -2.91 12.56 -14.78
N GLU B 361 -3.55 13.68 -14.52
CA GLU B 361 -4.67 14.15 -15.32
C GLU B 361 -4.28 14.26 -16.79
N LEU B 362 -3.02 14.55 -17.05
CA LEU B 362 -2.53 14.82 -18.40
C LEU B 362 -2.21 13.59 -19.25
N ILE B 363 -2.19 12.41 -18.65
CA ILE B 363 -1.87 11.21 -19.39
C ILE B 363 -3.10 10.66 -20.06
N THR B 364 -3.04 10.53 -21.38
CA THR B 364 -4.15 9.95 -22.13
C THR B 364 -3.76 8.64 -22.77
N SER B 365 -4.44 7.58 -22.37
CA SER B 365 -4.17 6.24 -22.89
C SER B 365 -5.47 5.45 -22.99
N CYS B 366 -5.68 4.83 -24.17
CA CYS B 366 -6.96 4.21 -24.57
C CYS B 366 -7.94 5.34 -24.86
N SER B 367 -7.39 6.46 -25.34
CA SER B 367 -8.11 7.73 -25.49
C SER B 367 -8.93 8.14 -24.26
N SER B 368 -8.58 7.61 -23.08
CA SER B 368 -9.23 8.02 -21.86
C SER B 368 -8.22 8.67 -20.89
N ASN B 369 -8.68 9.64 -20.10
CA ASN B 369 -7.84 10.24 -19.07
C ASN B 369 -8.54 10.25 -17.72
N VAL B 370 -7.73 10.38 -16.68
CA VAL B 370 -8.23 10.44 -15.33
C VAL B 370 -8.60 11.88 -14.96
N SER B 371 -9.75 12.06 -14.30
CA SER B 371 -10.15 13.39 -13.86
C SER B 371 -10.77 13.30 -12.47
N VAL B 372 -11.01 14.46 -11.85
CA VAL B 372 -11.49 14.51 -10.48
C VAL B 372 -12.87 15.13 -10.36
N ALA B 373 -13.70 14.53 -9.53
CA ALA B 373 -14.99 15.09 -9.11
C ALA B 373 -15.14 14.89 -7.61
N HIS B 374 -16.16 15.48 -6.99
CA HIS B 374 -16.42 15.22 -5.57
C HIS B 374 -17.73 14.49 -5.44
N ASP B 375 -17.91 13.68 -4.40
CA ASP B 375 -19.16 12.94 -4.28
C ASP B 375 -20.13 13.61 -3.30
N ALA B 376 -21.10 12.89 -2.78
CA ALA B 376 -22.09 13.48 -1.88
C ALA B 376 -21.40 14.18 -0.70
N SER B 377 -20.41 13.48 -0.14
CA SER B 377 -19.73 13.90 1.08
C SER B 377 -18.80 15.09 0.87
N GLY B 378 -18.52 15.40 -0.39
CA GLY B 378 -17.55 16.42 -0.71
C GLY B 378 -16.20 15.80 -0.97
N LYS B 379 -16.10 14.48 -0.78
CA LYS B 379 -14.83 13.75 -0.91
C LYS B 379 -14.37 13.66 -2.37
N ARG B 380 -13.07 13.84 -2.58
CA ARG B 380 -12.50 13.73 -3.92
C ARG B 380 -12.60 12.30 -4.45
N VAL B 381 -13.03 12.19 -5.71
CA VAL B 381 -13.11 10.92 -6.40
C VAL B 381 -12.47 11.00 -7.78
N TYR B 382 -11.63 10.00 -8.06
CA TYR B 382 -10.99 9.87 -9.35
C TYR B 382 -11.83 8.97 -10.25
N TYR B 383 -11.99 9.40 -11.51
CA TYR B 383 -12.75 8.60 -12.46
C TYR B 383 -12.14 8.72 -13.83
N LEU B 384 -12.50 7.76 -14.68
CA LEU B 384 -11.98 7.74 -16.04
C LEU B 384 -12.95 8.41 -17.00
N THR B 385 -12.43 9.28 -17.87
CA THR B 385 -13.26 9.99 -18.84
C THR B 385 -12.55 10.23 -20.18
N ARG B 386 -13.28 10.72 -21.17
CA ARG B 386 -12.69 11.02 -22.48
C ARG B 386 -13.40 12.15 -23.21
N ASP B 387 -12.74 12.69 -24.23
CA ASP B 387 -13.38 13.57 -25.19
C ASP B 387 -14.61 12.84 -25.72
N PRO B 388 -15.78 13.48 -25.68
CA PRO B 388 -16.99 12.71 -25.96
C PRO B 388 -17.44 12.84 -27.42
N THR B 389 -16.61 13.45 -28.26
CA THR B 389 -16.95 13.67 -29.67
C THR B 389 -17.31 12.40 -30.42
N THR B 390 -16.51 11.35 -30.29
CA THR B 390 -16.85 10.13 -30.99
C THR B 390 -18.03 9.41 -30.34
N PRO B 391 -18.06 9.27 -29.00
CA PRO B 391 -19.28 8.68 -28.43
C PRO B 391 -20.56 9.42 -28.84
N LEU B 392 -20.54 10.74 -28.78
CA LEU B 392 -21.74 11.51 -29.15
C LEU B 392 -22.09 11.26 -30.62
N ALA B 393 -21.09 11.27 -31.49
CA ALA B 393 -21.36 11.06 -32.92
C ALA B 393 -21.98 9.69 -33.17
N ARG B 394 -21.45 8.68 -32.51
CA ARG B 394 -21.96 7.34 -32.69
C ARG B 394 -23.37 7.20 -32.11
N ALA B 395 -23.62 7.82 -30.97
CA ALA B 395 -24.96 7.82 -30.39
C ALA B 395 -26.02 8.37 -31.38
N ALA B 396 -25.72 9.46 -32.06
CA ALA B 396 -26.64 10.00 -33.07
C ALA B 396 -26.87 9.03 -34.21
N TRP B 397 -25.79 8.39 -34.64
CA TRP B 397 -25.84 7.40 -35.70
C TRP B 397 -26.79 6.27 -35.33
N GLU B 398 -26.54 5.69 -34.17
CA GLU B 398 -27.31 4.55 -33.68
C GLU B 398 -28.74 4.96 -33.24
N THR B 399 -29.04 6.25 -33.30
CA THR B 399 -30.38 6.71 -33.01
C THR B 399 -31.17 6.69 -34.29
N ALA B 400 -30.50 7.01 -35.41
CA ALA B 400 -31.15 7.07 -36.72
C ALA B 400 -31.14 5.72 -37.44
N ARG B 401 -29.98 5.12 -37.57
CA ARG B 401 -29.89 3.79 -38.16
C ARG B 401 -29.84 2.74 -37.08
N HIS B 402 -30.58 1.64 -37.25
CA HIS B 402 -30.43 0.52 -36.34
C HIS B 402 -29.07 -0.15 -36.58
N THR B 403 -28.29 -0.27 -35.53
CA THR B 403 -26.96 -0.87 -35.63
C THR B 403 -26.88 -2.17 -34.83
N PRO B 404 -26.00 -3.08 -35.24
CA PRO B 404 -25.85 -4.37 -34.56
C PRO B 404 -25.08 -4.27 -33.23
N ILE B 405 -24.16 -3.32 -33.15
CA ILE B 405 -23.49 -3.03 -31.90
C ILE B 405 -23.89 -1.65 -31.37
N ASN B 406 -24.48 -1.61 -30.17
CA ASN B 406 -24.87 -0.34 -29.55
C ASN B 406 -23.75 0.30 -28.72
N SER B 407 -22.85 1.02 -29.39
CA SER B 407 -21.74 1.64 -28.70
C SER B 407 -22.18 2.60 -27.59
N TRP B 408 -23.35 3.22 -27.74
CA TRP B 408 -23.83 4.13 -26.69
C TRP B 408 -24.04 3.38 -25.34
N LEU B 409 -24.58 2.17 -25.41
CA LEU B 409 -24.81 1.39 -24.19
C LEU B 409 -23.48 1.03 -23.52
N GLY B 410 -22.50 0.63 -24.33
CA GLY B 410 -21.17 0.42 -23.83
C GLY B 410 -20.60 1.67 -23.18
N ASN B 411 -20.73 2.81 -23.87
CA ASN B 411 -20.22 4.06 -23.35
C ASN B 411 -20.94 4.45 -22.05
N ILE B 412 -22.23 4.21 -21.99
CA ILE B 412 -22.93 4.49 -20.74
C ILE B 412 -22.28 3.63 -19.68
N ILE B 413 -22.14 2.35 -19.96
CA ILE B 413 -21.64 1.41 -18.97
C ILE B 413 -20.20 1.70 -18.58
N MET B 414 -19.35 1.99 -19.56
CA MET B 414 -17.94 2.19 -19.26
C MET B 414 -17.66 3.58 -18.68
N TYR B 415 -18.47 4.57 -19.07
CA TYR B 415 -18.20 5.95 -18.68
C TYR B 415 -19.25 6.55 -17.78
N ALA B 416 -20.04 5.68 -17.16
CA ALA B 416 -21.14 6.07 -16.27
C ALA B 416 -20.86 7.23 -15.32
N PRO B 417 -19.62 7.36 -14.81
CA PRO B 417 -19.53 8.48 -13.86
C PRO B 417 -19.34 9.82 -14.53
N THR B 418 -19.02 9.84 -15.81
CA THR B 418 -18.65 11.09 -16.49
C THR B 418 -19.85 12.04 -16.56
N LEU B 419 -19.53 13.31 -16.67
CA LEU B 419 -20.48 14.38 -16.86
C LEU B 419 -21.40 14.15 -18.06
N TRP B 420 -20.83 13.63 -19.14
CA TRP B 420 -21.54 13.58 -20.42
C TRP B 420 -22.32 12.27 -20.60
N ALA B 421 -21.88 11.18 -19.99
CA ALA B 421 -22.61 9.94 -20.10
C ALA B 421 -23.89 10.00 -19.29
N ARG B 422 -23.82 10.70 -18.16
CA ARG B 422 -24.97 10.85 -17.28
C ARG B 422 -25.96 11.86 -17.81
N MET B 423 -25.46 13.03 -18.18
CA MET B 423 -26.36 14.11 -18.55
C MET B 423 -26.88 13.96 -19.97
N ILE B 424 -26.03 13.54 -20.89
CA ILE B 424 -26.43 13.49 -22.29
C ILE B 424 -26.83 12.06 -22.74
N LEU B 425 -25.98 11.05 -22.57
CA LEU B 425 -26.32 9.70 -23.07
C LEU B 425 -27.51 9.08 -22.35
N MET B 426 -27.47 9.03 -21.03
CA MET B 426 -28.53 8.41 -20.27
C MET B 426 -29.89 9.06 -20.56
N THR B 427 -29.89 10.39 -20.56
CA THR B 427 -31.09 11.15 -20.79
C THR B 427 -31.65 10.88 -22.18
N HIS B 428 -30.80 11.07 -23.20
CA HIS B 428 -31.23 10.83 -24.56
C HIS B 428 -31.82 9.44 -24.73
N PHE B 429 -31.14 8.43 -24.20
CA PHE B 429 -31.56 7.09 -24.54
C PHE B 429 -32.66 6.59 -23.65
N PHE B 430 -32.65 6.94 -22.38
CA PHE B 430 -33.80 6.57 -21.57
C PHE B 430 -35.06 7.33 -22.00
N SER B 431 -34.89 8.53 -22.55
CA SER B 431 -36.03 9.26 -23.08
C SER B 431 -36.59 8.55 -24.30
N ILE B 432 -35.73 8.21 -25.26
CA ILE B 432 -36.15 7.47 -26.44
C ILE B 432 -36.79 6.12 -26.08
N LEU B 433 -36.12 5.35 -25.22
CA LEU B 433 -36.55 3.99 -24.88
C LEU B 433 -37.87 4.03 -24.16
N LEU B 434 -38.08 5.07 -23.37
CA LEU B 434 -39.34 5.24 -22.67
C LEU B 434 -40.48 5.35 -23.66
N ALA B 435 -40.34 6.26 -24.60
CA ALA B 435 -41.37 6.53 -25.61
C ALA B 435 -41.69 5.33 -26.48
N GLN B 436 -40.75 4.41 -26.61
CA GLN B 436 -40.96 3.24 -27.46
C GLN B 436 -41.27 2.01 -26.61
N GLU B 437 -41.39 2.23 -25.31
CA GLU B 437 -41.60 1.17 -24.32
C GLU B 437 -40.65 -0.03 -24.53
N GLN B 438 -39.35 0.23 -24.46
CA GLN B 438 -38.32 -0.78 -24.71
C GLN B 438 -37.30 -0.87 -23.58
N LEU B 439 -37.66 -0.37 -22.40
CA LEU B 439 -36.75 -0.36 -21.28
C LEU B 439 -36.24 -1.77 -20.92
N GLU B 440 -36.99 -2.80 -21.31
CA GLU B 440 -36.59 -4.16 -20.97
C GLU B 440 -36.25 -5.00 -22.19
N LYS B 441 -36.06 -4.36 -23.33
CA LYS B 441 -35.57 -5.08 -24.49
C LYS B 441 -34.05 -5.21 -24.38
N ALA B 442 -33.55 -6.42 -24.57
CA ALA B 442 -32.10 -6.65 -24.52
C ALA B 442 -31.40 -6.00 -25.71
N LEU B 443 -30.25 -5.41 -25.45
CA LEU B 443 -29.49 -4.74 -26.49
C LEU B 443 -28.06 -5.24 -26.58
N ASP B 444 -27.57 -5.39 -27.81
CA ASP B 444 -26.22 -5.85 -28.00
C ASP B 444 -25.24 -4.70 -27.89
N CYS B 445 -24.38 -4.76 -26.88
CA CYS B 445 -23.25 -3.83 -26.78
C CYS B 445 -21.94 -4.61 -26.66
N GLN B 446 -20.82 -3.91 -26.54
CA GLN B 446 -19.64 -4.66 -26.15
C GLN B 446 -18.74 -3.89 -25.17
N ILE B 447 -18.11 -4.65 -24.30
CA ILE B 447 -17.22 -4.12 -23.27
C ILE B 447 -15.90 -4.89 -23.34
N TYR B 448 -14.78 -4.16 -23.34
CA TYR B 448 -13.44 -4.74 -23.48
C TYR B 448 -13.35 -5.71 -24.66
N GLY B 449 -14.26 -5.58 -25.62
CA GLY B 449 -14.18 -6.36 -26.85
C GLY B 449 -15.17 -7.50 -26.97
N ALA B 450 -15.65 -7.99 -25.84
CA ALA B 450 -16.62 -9.09 -25.86
C ALA B 450 -18.03 -8.53 -26.00
N CYS B 451 -18.88 -9.26 -26.71
CA CYS B 451 -20.25 -8.87 -26.97
C CYS B 451 -21.16 -9.31 -25.80
N TYR B 452 -22.00 -8.41 -25.28
CA TYR B 452 -22.94 -8.69 -24.18
C TYR B 452 -24.37 -8.40 -24.60
N SER B 453 -25.34 -9.04 -23.97
CA SER B 453 -26.72 -8.59 -24.16
C SER B 453 -27.28 -8.00 -22.87
N ILE B 454 -27.41 -6.68 -22.90
CA ILE B 454 -27.74 -5.89 -21.72
C ILE B 454 -29.14 -5.32 -21.84
N GLU B 455 -29.83 -5.32 -20.71
CA GLU B 455 -31.17 -4.79 -20.60
C GLU B 455 -31.08 -3.44 -19.88
N PRO B 456 -31.56 -2.36 -20.52
CA PRO B 456 -31.36 -1.00 -20.02
C PRO B 456 -31.81 -0.77 -18.57
N LEU B 457 -32.78 -1.53 -18.08
CA LEU B 457 -33.21 -1.40 -16.68
C LEU B 457 -32.20 -1.98 -15.69
N ASP B 458 -31.22 -2.72 -16.19
CA ASP B 458 -30.22 -3.35 -15.32
C ASP B 458 -29.00 -2.45 -15.20
N LEU B 459 -29.02 -1.31 -15.88
CA LEU B 459 -27.89 -0.41 -15.85
C LEU B 459 -27.49 0.05 -14.44
N PRO B 460 -28.46 0.27 -13.52
CA PRO B 460 -28.02 0.67 -12.18
C PRO B 460 -27.08 -0.35 -11.49
N GLN B 461 -27.52 -1.60 -11.42
CA GLN B 461 -26.73 -2.67 -10.81
C GLN B 461 -25.35 -2.72 -11.43
N ILE B 462 -25.34 -2.85 -12.75
CA ILE B 462 -24.10 -2.95 -13.51
C ILE B 462 -23.16 -1.84 -13.14
N ILE B 463 -23.64 -0.60 -13.29
CA ILE B 463 -22.85 0.58 -13.01
C ILE B 463 -22.33 0.54 -11.57
N GLU B 464 -23.15 0.04 -10.64
CA GLU B 464 -22.70 0.03 -9.25
C GLU B 464 -21.51 -0.90 -9.07
N ARG B 465 -21.54 -2.06 -9.71
CA ARG B 465 -20.43 -3.00 -9.56
C ARG B 465 -19.23 -2.66 -10.43
N LEU B 466 -19.41 -1.77 -11.40
CA LEU B 466 -18.28 -1.38 -12.21
C LEU B 466 -17.64 -0.07 -11.76
N HIS B 467 -18.42 0.77 -11.07
CA HIS B 467 -17.96 2.10 -10.69
C HIS B 467 -18.24 2.46 -9.22
N GLY B 468 -18.94 1.59 -8.50
CA GLY B 468 -19.31 1.88 -7.13
C GLY B 468 -20.43 2.91 -7.05
N LEU B 469 -20.86 3.25 -5.85
CA LEU B 469 -22.04 4.07 -5.66
C LEU B 469 -21.82 5.54 -6.00
N SER B 470 -20.57 5.99 -5.95
CA SER B 470 -20.26 7.40 -6.23
C SER B 470 -20.54 7.78 -7.68
N ALA B 471 -20.67 6.78 -8.54
CA ALA B 471 -21.01 7.02 -9.94
C ALA B 471 -22.37 7.67 -10.10
N PHE B 472 -23.20 7.57 -9.07
CA PHE B 472 -24.52 8.21 -9.10
C PHE B 472 -24.55 9.53 -8.34
N THR B 473 -23.42 9.99 -7.80
CA THR B 473 -23.45 11.18 -6.96
C THR B 473 -22.33 12.18 -7.21
N LEU B 474 -21.46 11.90 -8.18
CA LEU B 474 -20.38 12.83 -8.48
C LEU B 474 -20.98 14.19 -8.84
N HIS B 475 -20.32 15.29 -8.47
CA HIS B 475 -20.97 16.58 -8.67
C HIS B 475 -20.13 17.86 -8.77
N SER B 476 -18.82 17.81 -8.62
CA SER B 476 -18.11 19.08 -8.79
C SER B 476 -16.93 18.96 -9.72
N TYR B 477 -17.26 18.66 -10.98
CA TYR B 477 -16.31 18.31 -12.00
C TYR B 477 -15.29 19.41 -12.25
N SER B 478 -14.09 19.02 -12.65
CA SER B 478 -13.01 19.99 -12.86
C SER B 478 -13.43 20.90 -13.98
N PRO B 479 -12.99 22.17 -13.93
CA PRO B 479 -13.41 23.15 -14.93
C PRO B 479 -12.90 22.77 -16.31
N GLY B 480 -11.81 22.00 -16.35
CA GLY B 480 -11.22 21.58 -17.59
C GLY B 480 -12.10 20.55 -18.26
N GLU B 481 -12.55 19.57 -17.49
CA GLU B 481 -13.47 18.59 -18.01
C GLU B 481 -14.76 19.24 -18.50
N ILE B 482 -15.20 20.30 -17.83
CA ILE B 482 -16.49 20.89 -18.16
C ILE B 482 -16.35 21.69 -19.46
N ASN B 483 -15.22 22.36 -19.62
CA ASN B 483 -15.00 23.11 -20.84
C ASN B 483 -14.90 22.19 -22.05
N ARG B 484 -14.25 21.04 -21.86
CA ARG B 484 -14.10 20.08 -22.94
C ARG B 484 -15.46 19.56 -23.41
N VAL B 485 -16.28 19.14 -22.47
CA VAL B 485 -17.62 18.67 -22.80
C VAL B 485 -18.42 19.77 -23.50
N ALA B 486 -18.45 20.96 -22.92
CA ALA B 486 -19.27 22.05 -23.42
C ALA B 486 -18.78 22.55 -24.78
N SER B 487 -17.47 22.58 -24.93
CA SER B 487 -16.91 22.94 -26.21
C SER B 487 -17.25 21.89 -27.26
N CYS B 488 -17.14 20.63 -26.88
CA CYS B 488 -17.46 19.55 -27.81
C CYS B 488 -18.93 19.66 -28.24
N LEU B 489 -19.78 20.03 -27.29
CA LEU B 489 -21.20 20.23 -27.57
C LEU B 489 -21.44 21.32 -28.63
N ARG B 490 -20.74 22.45 -28.52
CA ARG B 490 -20.88 23.55 -29.49
C ARG B 490 -20.49 23.08 -30.87
N LYS B 491 -19.34 22.41 -30.94
CA LYS B 491 -18.75 21.89 -32.16
C LYS B 491 -19.71 20.99 -32.91
N LEU B 492 -20.34 20.06 -32.18
CA LEU B 492 -21.17 19.04 -32.82
C LEU B 492 -22.61 19.49 -33.03
N GLY B 493 -22.94 20.71 -32.61
CA GLY B 493 -24.32 21.14 -32.58
C GLY B 493 -25.17 20.37 -31.57
N VAL B 494 -24.59 20.01 -30.44
CA VAL B 494 -25.35 19.33 -29.38
C VAL B 494 -25.89 20.35 -28.38
N PRO B 495 -27.18 20.22 -28.00
CA PRO B 495 -27.78 21.16 -27.05
C PRO B 495 -27.00 21.22 -25.76
N PRO B 496 -26.75 22.45 -25.24
CA PRO B 496 -26.00 22.71 -24.00
C PRO B 496 -26.47 21.88 -22.80
N LEU B 497 -25.57 21.59 -21.87
CA LEU B 497 -25.89 20.75 -20.69
C LEU B 497 -27.16 21.22 -19.98
N ARG B 498 -27.35 22.54 -19.98
CA ARG B 498 -28.54 23.20 -19.47
C ARG B 498 -29.83 22.52 -19.95
N THR B 499 -29.89 22.18 -21.23
CA THR B 499 -31.09 21.61 -21.80
C THR B 499 -31.24 20.16 -21.38
N TRP B 500 -30.13 19.44 -21.36
CA TRP B 500 -30.16 18.05 -20.90
C TRP B 500 -30.69 17.92 -19.47
N ARG B 501 -30.30 18.86 -18.60
CA ARG B 501 -30.82 18.90 -17.24
C ARG B 501 -32.35 18.96 -17.24
N HIS B 502 -32.92 19.87 -18.04
CA HIS B 502 -34.37 20.00 -18.15
C HIS B 502 -35.00 18.69 -18.66
N ARG B 503 -34.44 18.12 -19.74
CA ARG B 503 -35.02 16.91 -20.33
C ARG B 503 -34.99 15.72 -19.37
N ALA B 504 -33.97 15.67 -18.53
CA ALA B 504 -33.82 14.62 -17.53
C ALA B 504 -34.88 14.68 -16.42
N ARG B 505 -35.15 15.89 -15.93
CA ARG B 505 -36.19 16.10 -14.93
C ARG B 505 -37.48 15.46 -15.41
N SER B 506 -37.74 15.57 -16.71
CA SER B 506 -38.94 14.97 -17.26
C SER B 506 -38.82 13.46 -17.36
N VAL B 507 -37.69 12.99 -17.86
CA VAL B 507 -37.48 11.57 -18.04
C VAL B 507 -37.50 10.85 -16.72
N ARG B 508 -36.84 11.44 -15.73
CA ARG B 508 -36.78 10.85 -14.40
C ARG B 508 -38.15 10.74 -13.77
N ALA B 509 -39.01 11.73 -14.01
CA ALA B 509 -40.36 11.68 -13.44
C ALA B 509 -41.16 10.51 -14.03
N LYS B 510 -41.07 10.35 -15.35
CA LYS B 510 -41.83 9.32 -16.02
C LYS B 510 -41.31 7.94 -15.65
N LEU B 511 -40.03 7.88 -15.26
CA LEU B 511 -39.43 6.62 -14.84
C LEU B 511 -39.96 6.21 -13.48
N LEU B 512 -39.77 7.11 -12.51
CA LEU B 512 -40.32 6.92 -11.17
C LEU B 512 -41.79 6.57 -11.21
N SER B 513 -42.52 7.18 -12.14
CA SER B 513 -43.94 6.89 -12.36
C SER B 513 -44.24 5.40 -12.46
N GLN B 514 -43.49 4.70 -13.31
CA GLN B 514 -43.79 3.32 -13.67
C GLN B 514 -43.34 2.31 -12.63
N GLY B 515 -42.83 2.80 -11.52
CA GLY B 515 -42.39 1.97 -10.43
C GLY B 515 -41.40 0.90 -10.84
N GLY B 516 -41.28 -0.12 -10.01
CA GLY B 516 -40.39 -1.23 -10.30
C GLY B 516 -39.01 -0.80 -10.73
N ARG B 517 -38.38 -1.65 -11.54
CA ARG B 517 -37.03 -1.42 -12.03
C ARG B 517 -36.92 -0.11 -12.80
N ALA B 518 -38.02 0.32 -13.41
CA ALA B 518 -38.01 1.59 -14.13
C ALA B 518 -37.75 2.75 -13.16
N ALA B 519 -38.48 2.76 -12.06
CA ALA B 519 -38.26 3.76 -11.00
C ALA B 519 -36.90 3.60 -10.29
N THR B 520 -36.38 2.37 -10.27
CA THR B 520 -35.03 2.17 -9.76
C THR B 520 -34.08 3.01 -10.62
N CYS B 521 -34.32 2.99 -11.94
CA CYS B 521 -33.52 3.76 -12.88
C CYS B 521 -33.69 5.26 -12.68
N GLY B 522 -34.91 5.67 -12.35
CA GLY B 522 -35.18 7.07 -12.08
C GLY B 522 -34.34 7.56 -10.92
N ARG B 523 -34.30 6.77 -9.84
CA ARG B 523 -33.66 7.19 -8.61
C ARG B 523 -32.14 7.31 -8.75
N TYR B 524 -31.53 6.30 -9.36
CA TYR B 524 -30.07 6.23 -9.43
C TYR B 524 -29.48 6.99 -10.59
N LEU B 525 -29.95 6.71 -11.79
CA LEU B 525 -29.35 7.30 -12.97
C LEU B 525 -29.53 8.82 -13.05
N PHE B 526 -30.67 9.32 -12.55
CA PHE B 526 -31.01 10.72 -12.71
C PHE B 526 -31.13 11.52 -11.41
N ASN B 527 -30.51 11.01 -10.36
CA ASN B 527 -30.41 11.73 -9.10
C ASN B 527 -29.71 13.07 -9.26
N TRP B 528 -28.86 13.18 -10.27
CA TRP B 528 -28.09 14.40 -10.49
C TRP B 528 -28.99 15.55 -10.91
N ALA B 529 -30.18 15.22 -11.38
CA ALA B 529 -30.99 16.22 -12.07
C ALA B 529 -31.87 17.02 -11.12
N VAL B 530 -32.03 16.54 -9.89
CA VAL B 530 -33.01 17.14 -9.00
C VAL B 530 -32.51 17.96 -7.82
N ARG B 531 -33.36 18.92 -7.51
CA ARG B 531 -33.45 19.68 -6.26
C ARG B 531 -33.00 18.92 -5.00
N THR B 532 -33.99 18.26 -4.41
CA THR B 532 -33.86 17.53 -3.18
C THR B 532 -33.39 16.13 -3.48
N LYS B 533 -32.09 15.89 -3.38
CA LYS B 533 -31.51 14.57 -3.69
C LYS B 533 -32.25 13.46 -2.93
N LEU B 534 -32.58 12.39 -3.65
CA LEU B 534 -33.18 11.20 -3.06
C LEU B 534 -32.07 10.31 -2.52
N LYS B 535 -32.36 9.53 -1.47
CA LYS B 535 -31.31 8.72 -0.83
C LYS B 535 -30.96 7.49 -1.67
N LEU B 536 -29.70 7.08 -1.61
CA LEU B 536 -29.24 5.98 -2.48
C LEU B 536 -28.85 4.73 -1.73
N THR B 537 -29.84 3.88 -1.52
CA THR B 537 -29.69 2.52 -1.02
C THR B 537 -28.56 1.90 -1.85
N PRO B 538 -27.92 0.82 -1.28
CA PRO B 538 -27.20 -0.03 -2.25
C PRO B 538 -28.30 -0.93 -2.83
N ILE B 539 -28.39 -0.94 -4.16
CA ILE B 539 -29.42 -1.66 -4.89
C ILE B 539 -29.45 -3.12 -4.45
N PRO B 540 -30.65 -3.75 -4.43
CA PRO B 540 -30.76 -5.21 -4.31
C PRO B 540 -29.81 -5.93 -5.29
N ALA B 541 -30.29 -6.52 -6.39
CA ALA B 541 -29.44 -7.36 -7.26
C ALA B 541 -27.95 -7.01 -7.45
N ALA B 542 -27.51 -5.82 -7.00
CA ALA B 542 -26.15 -5.32 -7.28
C ALA B 542 -25.02 -5.89 -6.41
N SER B 543 -24.98 -5.47 -5.15
CA SER B 543 -23.96 -5.90 -4.19
C SER B 543 -23.98 -7.41 -3.91
N GLN B 544 -24.93 -8.11 -4.54
CA GLN B 544 -25.26 -9.49 -4.18
C GLN B 544 -24.55 -10.49 -5.12
N LEU B 545 -25.20 -11.64 -5.35
CA LEU B 545 -24.80 -12.53 -6.43
C LEU B 545 -25.26 -11.87 -7.73
N ASP B 546 -24.51 -12.09 -8.80
CA ASP B 546 -24.31 -11.04 -9.76
C ASP B 546 -23.55 -11.51 -11.03
N LEU B 547 -22.95 -10.55 -11.75
CA LEU B 547 -21.80 -10.72 -12.64
C LEU B 547 -20.66 -11.55 -12.00
N SER B 548 -19.62 -11.89 -12.76
CA SER B 548 -18.48 -12.61 -12.18
C SER B 548 -17.23 -12.54 -13.08
N GLY B 549 -17.32 -13.18 -14.23
CA GLY B 549 -16.21 -13.21 -15.18
C GLY B 549 -16.30 -12.13 -16.25
N ASN B 550 -17.11 -11.11 -15.97
CA ASN B 550 -17.37 -10.03 -16.91
C ASN B 550 -16.15 -9.07 -17.05
N PHE B 551 -15.43 -8.84 -15.96
CA PHE B 551 -14.14 -8.15 -16.07
C PHE B 551 -12.99 -9.00 -15.58
N VAL B 552 -12.41 -9.74 -16.51
CA VAL B 552 -11.26 -10.58 -16.22
C VAL B 552 -10.26 -10.46 -17.37
N ALA B 553 -10.79 -10.25 -18.59
CA ALA B 553 -9.95 -10.22 -19.79
C ALA B 553 -10.63 -9.57 -21.01
N GLY B 554 -9.81 -9.17 -21.98
CA GLY B 554 -10.27 -8.50 -23.18
C GLY B 554 -10.15 -9.37 -24.41
N TYR B 555 -11.12 -9.25 -25.31
CA TYR B 555 -11.27 -10.18 -26.42
C TYR B 555 -11.59 -9.46 -27.72
N SER B 556 -10.90 -8.35 -27.98
CA SER B 556 -11.22 -7.44 -29.08
C SER B 556 -11.57 -8.15 -30.40
N GLY B 557 -10.60 -8.82 -31.02
CA GLY B 557 -10.85 -9.54 -32.26
C GLY B 557 -11.44 -10.91 -32.01
N GLY B 558 -11.52 -11.25 -30.72
CA GLY B 558 -12.10 -12.49 -30.27
C GLY B 558 -13.61 -12.45 -30.37
N ASP B 559 -14.10 -13.07 -31.44
CA ASP B 559 -15.50 -13.35 -31.65
C ASP B 559 -16.14 -13.92 -30.37
N ILE B 560 -16.22 -13.14 -29.30
CA ILE B 560 -16.62 -13.69 -27.98
C ILE B 560 -17.90 -13.09 -27.44
N TYR B 561 -18.76 -13.94 -26.86
CA TYR B 561 -20.05 -13.52 -26.31
C TYR B 561 -20.23 -14.05 -24.90
N HIS B 562 -20.34 -13.14 -23.94
CA HIS B 562 -20.63 -13.48 -22.55
C HIS B 562 -22.09 -13.17 -22.20
N SER B 563 -22.95 -14.16 -22.34
CA SER B 563 -24.40 -14.00 -22.15
C SER B 563 -24.86 -14.26 -20.75
N LEU B 564 -24.16 -13.74 -19.76
CA LEU B 564 -24.36 -14.35 -18.46
C LEU B 564 -24.82 -13.39 -17.36
N SER B 565 -25.82 -13.86 -16.60
CA SER B 565 -26.50 -13.12 -15.55
C SER B 565 -25.62 -12.94 -14.30
MN MN C . 15.53 10.31 24.72
MN MN D . 19.30 11.75 24.33
PA UTP E . 20.55 8.27 23.75
PA UTP E . 20.55 8.89 24.60
O1A UTP E . 21.62 9.18 23.20
O1A UTP E . 21.26 10.08 24.00
O2A UTP E . 20.15 8.42 25.19
O2A UTP E . 20.29 8.90 26.09
O3A UTP E . 19.25 8.39 22.78
O3A UTP E . 19.19 8.64 23.76
O5' UTP E . 20.94 6.73 23.43
O5' UTP E . 21.43 7.59 24.29
PB UTP E . 17.73 8.39 23.30
PB UTP E . 18.65 9.61 22.57
O1B UTP E . 17.51 9.71 24.00
O1B UTP E . 18.45 8.78 21.31
O2B UTP E . 16.84 7.99 22.13
O2B UTP E . 17.51 10.38 23.15
O3B UTP E . 17.57 7.20 24.39
O3B UTP E . 19.81 10.70 22.29
PG UTP E . 16.13 6.64 24.81
PG UTP E . 20.76 10.80 20.98
O1G UTP E . 15.47 7.76 25.56
O1G UTP E . 21.26 9.40 20.69
O2G UTP E . 15.45 6.31 23.49
O2G UTP E . 19.88 11.37 19.87
O3G UTP E . 16.46 5.45 25.68
O3G UTP E . 21.86 11.72 21.44
C5' UTP E . 21.32 5.74 24.38
C5' UTP E . 21.14 6.23 24.62
C4' UTP E . 20.23 5.53 25.43
C4' UTP E . 20.03 6.00 25.64
O4' UTP E . 19.48 4.32 25.24
O4' UTP E . 19.38 4.74 25.41
C1' UTP E . 19.53 3.52 26.37
C1' UTP E . 19.77 3.77 26.39
C2' UTP E . 20.61 4.11 27.32
C2' UTP E . 20.60 4.51 27.42
O2' UTP E . 20.30 3.97 28.71
O2' UTP E . 20.23 4.17 28.76
C3' UTP E . 20.72 5.56 26.86
C3' UTP E . 20.47 5.98 27.09
O3' UTP E . 20.05 6.53 27.68
O3' UTP E . 19.63 6.75 27.97
N1 UTP E . 19.77 2.03 26.19
N1 UTP E . 20.44 2.57 25.81
C6 UTP E . 20.98 1.58 26.03
C6 UTP E . 21.72 2.66 25.42
C2 UTP E . 18.66 1.13 26.07
C2 UTP E . 19.78 1.34 25.61
O2 UTP E . 17.45 1.51 26.22
O2 UTP E . 18.59 1.13 25.93
N3 UTP E . 18.89 -0.20 25.91
N3 UTP E . 20.36 0.30 25.07
C4 UTP E . 20.13 -0.65 25.77
C4 UTP E . 21.71 0.42 24.69
O4 UTP E . 20.30 -1.69 25.64
O4 UTP E . 22.31 -0.59 24.28
C5 UTP E . 21.21 0.26 25.83
C5 UTP E . 22.35 1.57 24.84
MN MN F . -3.90 1.85 -29.25
MN MN G . -1.73 2.15 -32.26
PA UTP H . -3.47 0.35 -34.29
PA UTP H . -4.22 0.42 -33.48
O1A UTP H . -2.08 -0.14 -34.07
O1A UTP H . -3.56 0.44 -32.12
O2A UTP H . -3.71 1.50 -35.25
O2A UTP H . -3.35 0.25 -34.71
O3A UTP H . -4.06 0.70 -32.81
O3A UTP H . -5.13 1.75 -33.60
O5' UTP H . -4.33 -0.91 -34.79
O5' UTP H . -5.33 -0.74 -33.48
PB UTP H . -5.31 1.66 -32.44
PB UTP H . -5.02 3.03 -32.59
O1B UTP H . -4.98 2.40 -31.17
O1B UTP H . -6.10 4.03 -32.94
O2B UTP H . -5.65 2.47 -33.68
O2B UTP H . -4.91 2.50 -31.18
O3B UTP H . -6.54 0.65 -32.17
O3B UTP H . -3.59 3.67 -32.98
PG UTP H . -7.06 0.07 -30.74
PG UTP H . -3.34 4.58 -34.29
O1G UTP H . -5.92 0.28 -29.76
O1G UTP H . -4.62 4.54 -35.09
O2G UTP H . -7.32 -1.38 -31.06
O2G UTP H . -2.20 3.84 -34.94
O3G UTP H . -8.32 0.87 -30.43
O3G UTP H . -3.00 5.96 -33.75
C5' UTP H . -3.77 -1.83 -35.72
C5' UTP H . -5.07 -2.05 -33.96
C4' UTP H . -4.81 -2.37 -36.71
C4' UTP H . -5.66 -2.29 -35.34
O4' UTP H . -5.50 -3.50 -36.19
O4' UTP H . -6.12 -3.64 -35.50
C1' UTP H . -6.85 -3.46 -36.40
C1' UTP H . -7.40 -3.71 -36.04
C2' UTP H . -7.17 -2.14 -37.19
C2' UTP H . -7.77 -2.28 -36.51
O2' UTP H . -7.80 -2.35 -38.45
O2' UTP H . -7.90 -2.18 -37.94
C3' UTP H . -5.84 -1.42 -37.29
C3' UTP H . -6.75 -1.36 -35.87
O3' UTP H . -5.54 -0.96 -38.62
O3' UTP H . -6.27 -0.33 -36.73
N1 UTP H . -7.82 -3.72 -35.35
N1 UTP H . -8.38 -4.20 -35.14
C6 UTP H . -9.09 -3.86 -35.54
C6 UTP H . -9.68 -4.43 -35.56
C2 UTP H . -7.34 -3.89 -33.93
C2 UTP H . -8.09 -4.54 -33.79
O2 UTP H . -6.16 -3.83 -33.58
O2 UTP H . -6.97 -4.42 -33.32
N3 UTP H . -8.27 -4.14 -32.98
N3 UTP H . -9.02 -5.04 -32.97
C4 UTP H . -9.58 -4.25 -33.35
C4 UTP H . -10.29 -5.21 -33.38
O4 UTP H . -10.42 -4.48 -32.45
O4 UTP H . -11.10 -5.62 -32.66
C5 UTP H . -10.00 -4.11 -34.58
C5 UTP H . -10.61 -4.91 -34.73
#